data_6B4E
#
_entry.id   6B4E
#
_cell.length_a   67.470
_cell.length_b   67.470
_cell.length_c   361.651
_cell.angle_alpha   90.00
_cell.angle_beta   90.00
_cell.angle_gamma   90.00
#
_symmetry.space_group_name_H-M   'P 43 21 2'
#
loop_
_entity.id
_entity.type
_entity.pdbx_description
1 polymer 'Nucleoporin GLE1'
2 polymer 'Nucleoporin NUP42'
3 non-polymer 1,2-ETHANEDIOL
4 non-polymer PROLINE
5 water water
#
loop_
_entity_poly.entity_id
_entity_poly.type
_entity_poly.pdbx_seq_one_letter_code
_entity_poly.pdbx_strand_id
1 'polypeptide(L)'
;MTNFDKISKMFWHYKDKIAQIKQDIVLPIKKADVNVRNLLSRHKRKINPKFGQLTNSNQQLFKIQNELTQLINDTKGDSL
AYHWILNFIAKAVVHQAETEVRVKPESALPLGKLTLYLLVQFPELQELFMARLVKKCPFVIGFTCEIDTEKGRQNMGWKR
NNENKWEDNTSYDERMGGILSLFAIITRLQLPQEFITTTSHPFPIALSWHILARICNTPLNLITNTHFVILGSWWDAAAV
QFLQAYGNQASKLLILIGEELTSRMAEKKYVGAARLRILLEAWQNNNMESFPEMSP
;
B,A
2 'polypeptide(L)' GPSGSELADLAEETLKIFRANKFELGLVPDIPPPPALVA C,D
#
loop_
_chem_comp.id
_chem_comp.type
_chem_comp.name
_chem_comp.formula
EDO non-polymer 1,2-ETHANEDIOL 'C2 H6 O2'
#
# COMPACT_ATOMS: atom_id res chain seq x y z
N MET A 1 16.04 -4.10 36.82
N MET A 1 16.55 -3.18 36.35
CA MET A 1 14.76 -3.41 36.85
CA MET A 1 15.14 -2.93 36.06
C MET A 1 14.62 -2.47 35.66
C MET A 1 14.99 -1.81 35.03
N THR A 2 13.38 -2.10 35.36
N THR A 2 13.75 -1.59 34.58
CA THR A 2 13.07 -1.19 34.27
CA THR A 2 13.46 -0.70 33.46
C THR A 2 12.37 0.04 34.82
C THR A 2 12.91 0.63 33.95
N ASN A 3 12.78 1.21 34.33
N ASN A 3 13.38 1.72 33.33
CA ASN A 3 12.11 2.46 34.66
CA ASN A 3 12.84 3.06 33.55
C ASN A 3 11.08 2.75 33.59
C ASN A 3 11.79 3.31 32.48
N PHE A 4 9.81 2.55 33.90
N PHE A 4 10.52 3.17 32.84
CA PHE A 4 8.77 2.62 32.89
CA PHE A 4 9.45 3.31 31.85
C PHE A 4 8.40 4.06 32.54
C PHE A 4 9.24 4.75 31.41
N ASP A 5 8.78 5.03 33.37
N ASP A 5 9.76 5.73 32.17
CA ASP A 5 8.64 6.43 32.97
CA ASP A 5 9.70 7.12 31.72
C ASP A 5 9.54 6.75 31.79
C ASP A 5 10.58 7.34 30.49
N LYS A 6 10.77 6.22 31.78
N LYS A 6 11.79 6.78 30.51
CA LYS A 6 11.68 6.51 30.68
CA LYS A 6 12.66 6.88 29.34
C LYS A 6 11.26 5.80 29.40
C LYS A 6 12.16 6.04 28.18
N ILE A 7 10.72 4.59 29.52
N ILE A 7 11.36 5.00 28.45
CA ILE A 7 10.21 3.91 28.33
CA ILE A 7 10.72 4.25 27.37
C ILE A 7 8.97 4.63 27.80
C ILE A 7 9.63 5.11 26.73
N SER A 8 8.12 5.13 28.70
N SER A 8 8.78 5.72 27.55
CA SER A 8 6.98 5.93 28.26
CA SER A 8 7.77 6.62 27.01
C SER A 8 7.45 7.22 27.60
C SER A 8 8.40 7.75 26.21
N LYS A 9 8.41 7.91 28.21
N LYS A 9 9.48 8.34 26.73
CA LYS A 9 8.98 9.09 27.58
CA LYS A 9 10.17 9.42 26.02
C LYS A 9 9.55 8.75 26.21
C LYS A 9 10.66 8.94 24.66
N MET A 10 10.20 7.59 26.08
N MET A 10 11.29 7.76 24.62
CA MET A 10 10.74 7.17 24.79
CA MET A 10 11.79 7.25 23.35
C MET A 10 9.63 6.88 23.79
C MET A 10 10.64 6.99 22.39
N PHE A 11 8.54 6.26 24.24
N PHE A 11 9.54 6.43 22.88
CA PHE A 11 7.40 6.00 23.38
CA PHE A 11 8.38 6.20 22.03
C PHE A 11 6.82 7.30 22.84
C PHE A 11 7.87 7.51 21.44
N TRP A 12 6.58 8.26 23.71
N TRP A 12 7.68 8.52 22.29
CA TRP A 12 5.96 9.51 23.27
CA TRP A 12 7.16 9.79 21.81
C TRP A 12 6.93 10.39 22.48
C TRP A 12 8.20 10.56 20.99
N HIS A 13 8.24 10.20 22.66
N HIS A 13 9.49 10.30 21.21
CA HIS A 13 9.20 10.81 21.75
CA HIS A 13 10.50 10.85 20.32
C HIS A 13 8.98 10.36 20.32
C HIS A 13 10.25 10.38 18.88
N TYR A 14 8.90 9.03 20.09
N TYR A 14 10.05 9.08 18.70
CA TYR A 14 8.64 8.54 18.75
CA TYR A 14 9.84 8.57 17.34
C TYR A 14 7.23 8.87 18.28
C TYR A 14 8.46 8.97 16.81
N LYS A 15 6.25 8.94 19.18
N LYS A 15 7.46 9.08 17.69
CA LYS A 15 4.92 9.37 18.77
CA LYS A 15 6.18 9.60 17.24
C LYS A 15 4.92 10.83 18.34
C LYS A 15 6.30 11.03 16.75
N ASP A 16 5.63 11.68 19.08
N ASP A 16 7.04 11.87 17.48
CA ASP A 16 5.81 13.06 18.66
CA ASP A 16 7.26 13.24 17.02
C ASP A 16 6.55 13.13 17.33
C ASP A 16 8.04 13.25 15.70
N LYS A 17 7.49 12.22 17.08
N LYS A 17 8.89 12.25 15.46
CA LYS A 17 8.22 12.23 15.82
CA LYS A 17 9.64 12.18 14.22
C LYS A 17 7.31 11.87 14.64
C LYS A 17 8.72 11.83 13.04
N ILE A 18 6.43 10.89 14.82
N ILE A 18 7.73 10.97 13.26
CA ILE A 18 5.43 10.60 13.78
CA ILE A 18 6.74 10.70 12.22
C ILE A 18 4.62 11.84 13.45
C ILE A 18 6.01 11.99 11.84
N ALA A 19 4.20 12.58 14.47
N ALA A 19 5.70 12.82 12.84
CA ALA A 19 3.44 13.80 14.23
CA ALA A 19 5.07 14.10 12.55
C ALA A 19 4.29 14.84 13.51
C ALA A 19 6.02 15.06 11.85
N GLN A 20 5.57 14.93 13.88
N GLN A 20 7.29 15.06 12.27
CA GLN A 20 6.47 15.84 13.18
CA GLN A 20 8.31 15.86 11.59
C GLN A 20 6.68 15.41 11.73
C GLN A 20 8.45 15.43 10.15
N ILE A 21 6.67 14.10 11.46
N ILE A 21 8.38 14.12 9.89
CA ILE A 21 6.81 13.67 10.07
CA ILE A 21 8.49 13.64 8.51
C ILE A 21 5.62 14.13 9.23
C ILE A 21 7.33 14.13 7.68
N LYS A 22 4.41 14.09 9.78
N LYS A 22 6.13 14.17 8.27
CA LYS A 22 3.24 14.46 8.99
CA LYS A 22 4.96 14.66 7.53
C LYS A 22 3.24 15.95 8.63
C LYS A 22 5.13 16.13 7.16
N GLN A 23 3.57 16.81 9.59
N GLN A 23 5.64 16.95 8.09
CA GLN A 23 3.47 18.26 9.36
CA GLN A 23 5.73 18.37 7.83
C GLN A 23 4.64 18.78 8.52
C GLN A 23 6.95 18.73 6.99
N ASP A 24 5.86 18.30 8.76
N ASP A 24 8.06 18.00 7.12
CA ASP A 24 7.06 18.87 8.19
CA ASP A 24 9.30 18.37 6.45
C ASP A 24 7.50 18.19 6.90
C ASP A 24 9.57 17.58 5.18
N ILE A 25 6.74 17.24 6.38
N ILE A 25 8.79 16.54 4.90
CA ILE A 25 7.20 16.49 5.22
CA ILE A 25 9.03 15.67 3.77
C ILE A 25 6.05 16.11 4.32
C ILE A 25 7.75 15.49 2.97
N VAL A 26 5.02 15.50 4.89
N VAL A 26 6.64 15.20 3.65
CA VAL A 26 3.94 14.97 4.05
CA VAL A 26 5.42 14.83 2.94
C VAL A 26 3.12 16.11 3.44
C VAL A 26 4.72 16.06 2.35
N LEU A 27 2.75 17.10 4.25
N LEU A 27 4.51 17.09 3.17
CA LEU A 27 1.92 18.21 3.76
CA LEU A 27 3.73 18.26 2.77
C LEU A 27 2.71 19.09 2.81
C LEU A 27 4.46 19.11 1.73
N PRO A 28 3.98 19.40 3.10
N PRO A 28 5.77 19.34 1.86
CA PRO A 28 4.79 20.13 2.11
CA PRO A 28 6.45 20.11 0.81
C PRO A 28 4.73 19.49 0.72
C PRO A 28 6.36 19.46 -0.55
N ILE A 29 4.79 18.16 0.66
N ILE A 29 6.46 18.14 -0.63
CA ILE A 29 4.72 17.47 -0.63
CA ILE A 29 6.28 17.45 -1.90
C ILE A 29 3.33 17.55 -1.22
C ILE A 29 4.82 17.52 -2.33
N LYS A 30 2.29 17.54 -0.37
N LYS A 30 3.91 17.46 -1.37
CA LYS A 30 0.92 17.68 -0.88
CA LYS A 30 2.49 17.52 -1.68
C LYS A 30 0.70 19.06 -1.49
C LYS A 30 2.13 18.79 -2.44
N LYS A 31 1.27 20.09 -0.88
N LYS A 31 2.87 19.87 -2.21
CA LYS A 31 1.13 21.47 -1.35
CA LYS A 31 2.62 21.16 -2.83
C LYS A 31 2.13 21.83 -2.45
C LYS A 31 3.68 21.54 -3.85
N ALA A 32 2.95 20.87 -2.91
N ALA A 32 4.65 20.68 -4.12
CA ALA A 32 4.07 21.16 -3.80
CA ALA A 32 5.67 20.99 -5.10
C ALA A 32 3.65 21.17 -5.28
C ALA A 32 5.06 21.00 -6.51
N ASP A 33 4.64 21.34 -6.14
N ASP A 33 5.83 21.56 -7.45
CA ASP A 33 4.54 21.50 -7.59
CA ASP A 33 5.43 21.59 -8.85
C ASP A 33 4.28 20.17 -8.29
C ASP A 33 5.08 20.19 -9.32
N VAL A 34 3.78 20.23 -9.52
N VAL A 34 4.05 20.10 -10.15
CA VAL A 34 3.34 19.03 -10.21
CA VAL A 34 3.52 18.80 -10.56
C VAL A 34 4.52 18.25 -10.78
C VAL A 34 4.62 17.90 -11.09
N ASN A 35 5.47 18.92 -11.44
N ASN A 35 5.59 18.47 -11.82
CA ASN A 35 6.54 18.20 -12.14
CA ASN A 35 6.61 17.63 -12.43
C ASN A 35 7.37 17.37 -11.17
C ASN A 35 7.53 16.96 -11.41
N VAL A 36 7.47 17.80 -9.91
N VAL A 36 7.57 17.48 -10.18
CA VAL A 36 8.22 17.06 -8.91
CA VAL A 36 8.35 16.82 -9.14
C VAL A 36 7.38 15.90 -8.38
C VAL A 36 7.64 15.57 -8.66
N ARG A 37 6.07 16.11 -8.26
N ARG A 37 6.33 15.66 -8.43
CA ARG A 37 5.20 15.03 -7.81
CA ARG A 37 5.54 14.50 -8.03
C ARG A 37 5.17 13.89 -8.82
C ARG A 37 5.58 13.41 -9.09
N ASN A 38 5.16 14.21 -10.10
N ASN A 38 5.83 13.77 -10.35
CA ASN A 38 5.23 13.16 -11.12
CA ASN A 38 5.77 12.81 -11.45
C ASN A 38 6.54 12.38 -11.02
C ASN A 38 7.08 12.03 -11.60
N LEU A 39 7.66 13.09 -10.84
N LEU A 39 8.21 12.72 -11.76
CA LEU A 39 8.94 12.39 -10.71
CA LEU A 39 9.48 12.03 -11.95
C LEU A 39 8.92 11.45 -9.52
C LEU A 39 9.71 10.98 -10.87
N LEU A 40 8.36 11.90 -8.39
N LEU A 40 9.33 11.30 -9.64
CA LEU A 40 8.32 11.06 -7.20
CA LEU A 40 9.52 10.35 -8.54
C LEU A 40 7.33 9.93 -7.35
C LEU A 40 8.52 9.21 -8.58
N SER A 41 6.26 10.13 -8.13
N SER A 41 7.49 9.30 -9.42
CA SER A 41 5.36 9.03 -8.44
CA SER A 41 6.55 8.18 -9.54
C SER A 41 6.10 7.97 -9.26
C SER A 41 7.22 6.99 -10.21
N ARG A 42 6.81 8.39 -10.32
N ARG A 42 7.87 7.22 -11.36
CA ARG A 42 7.63 7.47 -11.08
CA ARG A 42 8.53 6.11 -12.05
C ARG A 42 8.62 6.74 -10.17
C ARG A 42 9.63 5.49 -11.18
N HIS A 43 9.22 7.48 -9.22
N HIS A 43 10.42 6.33 -10.51
CA HIS A 43 10.16 6.86 -8.29
CA HIS A 43 11.38 5.80 -9.56
C HIS A 43 9.44 6.04 -7.23
C HIS A 43 10.67 5.10 -8.40
N LYS A 44 8.32 6.54 -6.71
N LYS A 44 9.58 5.70 -7.90
CA LYS A 44 7.57 5.83 -5.67
CA LYS A 44 8.77 5.07 -6.87
C LYS A 44 7.17 4.43 -6.11
C LYS A 44 8.28 3.69 -7.30
N ARG A 45 6.70 4.28 -7.35
N ARG A 45 7.85 3.55 -8.56
CA ARG A 45 6.27 2.97 -7.84
CA ARG A 45 7.32 2.28 -9.06
C ARG A 45 7.38 2.19 -8.52
C ARG A 45 8.38 1.40 -9.69
N LYS A 46 8.50 2.84 -8.86
N LYS A 46 9.58 1.93 -9.96
CA LYS A 46 9.68 2.10 -9.29
CA LYS A 46 10.69 1.08 -10.39
C LYS A 46 10.38 1.43 -8.11
C LYS A 46 11.40 0.44 -9.20
N ILE A 47 10.13 1.91 -6.90
N ILE A 47 11.18 0.97 -8.01
CA ILE A 47 10.78 1.40 -5.70
CA ILE A 47 11.84 0.49 -6.80
C ILE A 47 9.98 0.28 -5.04
C ILE A 47 10.96 -0.48 -6.02
N ASN A 48 8.66 0.44 -4.97
N ASN A 48 9.65 -0.25 -6.03
CA ASN A 48 7.83 -0.46 -4.18
CA ASN A 48 8.75 -1.08 -5.24
C ASN A 48 8.00 -1.93 -4.57
C ASN A 48 8.81 -2.56 -5.62
N PRO A 49 8.08 -2.31 -5.84
N PRO A 49 8.83 -2.96 -6.89
CA PRO A 49 8.18 -3.75 -6.18
CA PRO A 49 8.82 -4.39 -7.21
C PRO A 49 9.44 -4.42 -5.69
C PRO A 49 10.04 -5.15 -6.70
N LYS A 50 10.50 -3.66 -5.35
N LYS A 50 11.14 -4.47 -6.42
CA LYS A 50 11.79 -4.28 -5.05
CA LYS A 50 12.37 -5.16 -6.06
C LYS A 50 11.71 -5.19 -3.83
C LYS A 50 12.21 -5.96 -4.77
N PHE A 51 10.97 -4.77 -2.81
N PHE A 51 11.50 -5.41 -3.79
CA PHE A 51 10.95 -5.53 -1.56
CA PHE A 51 11.40 -6.07 -2.48
C PHE A 51 10.37 -6.93 -1.76
C PHE A 51 10.73 -7.43 -2.58
N GLY A 52 9.37 -7.06 -2.64
N GLY A 52 9.78 -7.58 -3.51
CA GLY A 52 8.80 -8.36 -2.93
CA GLY A 52 9.12 -8.84 -3.74
C GLY A 52 9.66 -9.23 -3.82
C GLY A 52 9.85 -9.79 -4.65
N GLN A 53 10.61 -8.64 -4.56
N GLN A 53 11.01 -9.38 -5.18
CA GLN A 53 11.47 -9.42 -5.43
CA GLN A 53 11.83 -10.22 -6.04
C GLN A 53 12.59 -10.10 -4.68
C GLN A 53 12.93 -10.95 -5.25
N LEU A 54 12.76 -9.79 -3.39
N LEU A 54 12.99 -10.76 -3.94
CA LEU A 54 13.72 -10.52 -2.59
CA LEU A 54 13.95 -11.49 -3.12
C LEU A 54 13.40 -12.01 -2.60
C LEU A 54 13.51 -12.94 -2.96
N THR A 55 14.44 -12.82 -2.55
N THR A 55 14.48 -13.86 -3.11
CA THR A 55 14.31 -14.26 -2.43
CA THR A 55 14.26 -15.28 -2.89
C THR A 55 15.26 -14.72 -1.34
C THR A 55 15.16 -15.72 -1.75
N ASN A 56 15.50 -16.02 -1.23
N ASN A 56 15.39 -17.02 -1.63
CA ASN A 56 16.49 -16.56 -0.32
CA ASN A 56 16.34 -17.56 -0.66
C ASN A 56 17.90 -16.50 -0.88
C ASN A 56 17.77 -17.59 -1.19
N SER A 57 18.11 -15.79 -2.00
N SER A 57 18.03 -16.91 -2.32
CA SER A 57 19.38 -15.75 -2.71
CA SER A 57 19.30 -16.98 -3.03
C SER A 57 20.15 -14.47 -2.39
C SER A 57 20.12 -15.72 -2.78
N ASN A 58 21.41 -14.64 -1.98
N ASN A 58 21.42 -15.90 -2.51
CA ASN A 58 22.26 -13.49 -1.71
CA ASN A 58 22.30 -14.75 -2.30
C ASN A 58 22.51 -12.65 -2.95
C ASN A 58 22.65 -14.07 -3.62
N GLN A 59 22.79 -13.30 -4.09
N GLN A 59 22.84 -14.85 -4.68
CA GLN A 59 22.96 -12.57 -5.34
CA GLN A 59 23.00 -14.27 -6.00
C GLN A 59 21.76 -11.67 -5.62
C GLN A 59 21.88 -13.29 -6.30
N GLN A 60 20.55 -12.20 -5.38
N GLN A 60 20.63 -13.69 -6.03
CA GLN A 60 19.34 -11.41 -5.58
CA GLN A 60 19.49 -12.82 -6.27
C GLN A 60 19.23 -10.30 -4.54
C GLN A 60 19.46 -11.67 -5.28
N LEU A 61 19.72 -10.53 -3.33
N LEU A 61 19.86 -11.92 -4.03
CA LEU A 61 19.72 -9.49 -2.31
CA LEU A 61 19.97 -10.84 -3.05
C LEU A 61 20.59 -8.32 -2.75
C LEU A 61 20.95 -9.79 -3.54
N PHE A 62 21.81 -8.61 -3.19
N PHE A 62 22.15 -10.22 -3.94
CA PHE A 62 22.73 -7.56 -3.61
CA PHE A 62 23.17 -9.27 -4.39
C PHE A 62 22.15 -6.76 -4.77
C PHE A 62 22.68 -8.47 -5.58
N LYS A 63 21.41 -7.41 -5.66
N LYS A 63 21.89 -9.09 -6.46
CA LYS A 63 20.80 -6.69 -6.77
CA LYS A 63 21.36 -8.39 -7.62
C LYS A 63 19.79 -5.67 -6.28
C LYS A 63 20.44 -7.25 -7.20
N ILE A 64 18.92 -6.06 -5.35
N ILE A 64 19.44 -7.56 -6.35
CA ILE A 64 17.88 -5.18 -4.85
CA ILE A 64 18.50 -6.54 -5.90
C ILE A 64 18.49 -4.03 -4.03
C ILE A 64 19.23 -5.45 -5.13
N GLN A 65 19.51 -4.33 -3.23
N GLN A 65 20.25 -5.83 -4.36
CA GLN A 65 20.22 -3.27 -2.52
CA GLN A 65 21.04 -4.84 -3.64
C GLN A 65 20.69 -2.21 -3.50
C GLN A 65 21.68 -3.86 -4.61
N ASN A 66 21.40 -2.64 -4.54
N ASN A 66 22.28 -4.38 -5.68
CA ASN A 66 21.96 -1.69 -5.50
CA ASN A 66 22.93 -3.52 -6.66
C ASN A 66 20.87 -0.88 -6.18
C ASN A 66 21.92 -2.61 -7.36
N GLU A 67 19.75 -1.50 -6.54
N GLU A 67 20.77 -3.17 -7.75
CA GLU A 67 18.75 -0.79 -7.32
CA GLU A 67 19.81 -2.40 -8.52
C GLU A 67 17.98 0.20 -6.46
C GLU A 67 19.17 -1.30 -7.68
N LEU A 68 17.76 -0.11 -5.18
N LEU A 68 18.91 -1.57 -6.40
CA LEU A 68 17.15 0.85 -4.28
CA LEU A 68 18.33 -0.55 -5.53
C LEU A 68 18.10 2.00 -3.96
C LEU A 68 19.31 0.58 -5.28
N THR A 69 19.39 1.72 -3.86
N THR A 69 20.60 0.28 -5.12
CA THR A 69 20.34 2.80 -3.56
CA THR A 69 21.56 1.33 -4.85
C THR A 69 20.40 3.80 -4.70
C THR A 69 21.69 2.27 -6.06
N GLN A 70 20.36 3.33 -5.95
N GLN A 70 21.61 1.73 -7.27
CA GLN A 70 20.37 4.26 -7.07
CA GLN A 70 21.62 2.60 -8.45
C GLN A 70 19.14 5.14 -7.06
C GLN A 70 20.37 3.48 -8.50
N LEU A 71 17.99 4.58 -6.67
N LEU A 71 19.23 2.92 -8.13
CA LEU A 71 16.75 5.34 -6.69
CA LEU A 71 17.97 3.67 -8.21
C LEU A 71 16.70 6.34 -5.54
C LEU A 71 17.86 4.71 -7.09
N ILE A 72 17.24 5.96 -4.38
N ILE A 72 18.41 4.42 -5.92
CA ILE A 72 17.30 6.91 -3.27
CA ILE A 72 18.39 5.39 -4.84
C ILE A 72 18.30 8.01 -3.57
C ILE A 72 19.43 6.49 -5.08
N ASN A 73 19.42 7.65 -4.22
N ASN A 73 20.57 6.14 -5.69
CA ASN A 73 20.42 8.65 -4.60
CA ASN A 73 21.55 7.17 -6.04
C ASN A 73 19.86 9.67 -5.58
C ASN A 73 20.96 8.19 -7.00
N ASP A 74 18.83 9.31 -6.35
N ASP A 74 19.95 7.80 -7.78
CA ASP A 74 18.19 10.26 -7.25
CA ASP A 74 19.28 8.74 -8.69
C ASP A 74 17.59 11.46 -6.53
C ASP A 74 18.76 9.97 -7.95
N THR A 75 17.33 11.34 -5.23
N THR A 75 18.38 9.82 -6.67
CA THR A 75 16.73 12.40 -4.44
CA THR A 75 17.80 10.91 -5.90
C THR A 75 17.70 13.06 -3.46
C THR A 75 18.78 11.61 -4.98
N LYS A 76 18.95 12.56 -3.39
N LYS A 76 20.05 11.18 -4.95
CA LYS A 76 19.87 12.95 -2.33
CA LYS A 76 21.04 11.77 -4.05
C LYS A 76 20.14 14.46 -2.29
C LYS A 76 21.30 13.25 -4.35
N GLY A 77 20.05 15.16 -3.41
N GLY A 77 20.78 13.77 -5.45
CA GLY A 77 20.25 16.61 -3.38
CA GLY A 77 21.07 15.15 -5.87
C GLY A 77 19.11 17.38 -2.71
C GLY A 77 20.21 16.22 -5.25
N ASP A 78 17.91 16.78 -2.70
N ASP A 78 18.97 15.88 -4.89
CA ASP A 78 16.64 17.47 -2.46
CA ASP A 78 18.07 16.78 -4.16
C ASP A 78 16.07 17.00 -1.12
C ASP A 78 17.78 16.14 -2.82
N SER A 79 16.22 17.83 -0.07
N SER A 79 18.09 16.86 -1.74
CA SER A 79 15.95 17.36 1.29
CA SER A 79 17.89 16.27 -0.41
C SER A 79 14.49 16.93 1.46
C SER A 79 16.42 15.95 -0.16
N LEU A 80 13.54 17.67 0.88
N LEU A 80 15.52 16.84 -0.56
CA LEU A 80 12.15 17.31 1.09
CA LEU A 80 14.11 16.63 -0.25
C LEU A 80 11.83 16.01 0.38
C LEU A 80 13.57 15.43 -1.00
N ALA A 81 12.31 15.84 -0.86
N ALA A 81 13.83 15.35 -2.31
CA ALA A 81 12.09 14.60 -1.57
CA ALA A 81 13.44 14.17 -3.08
C ALA A 81 12.85 13.44 -0.94
C ALA A 81 14.08 12.91 -2.52
N TYR A 82 14.06 13.71 -0.45
N TYR A 82 15.34 13.02 -2.07
CA TYR A 82 14.86 12.65 0.17
CA TYR A 82 16.06 11.88 -1.49
C TYR A 82 14.19 12.12 1.44
C TYR A 82 15.39 11.39 -0.21
N HIS A 83 13.77 13.01 2.33
N HIS A 83 15.00 12.31 0.66
CA HIS A 83 13.09 12.56 3.54
CA HIS A 83 14.37 11.87 1.91
C HIS A 83 11.71 11.97 3.23
C HIS A 83 12.95 11.36 1.67
N TRP A 84 11.03 12.45 2.18
N TRP A 84 12.29 11.87 0.64
CA TRP A 84 9.75 11.85 1.81
CA TRP A 84 10.97 11.36 0.28
C TRP A 84 9.92 10.42 1.34
C TRP A 84 11.06 9.90 -0.17
N ILE A 85 10.95 10.15 0.52
N ILE A 85 12.03 9.58 -1.04
CA ILE A 85 11.16 8.80 0.02
CA ILE A 85 12.19 8.20 -1.48
C ILE A 85 11.61 7.86 1.14
C ILE A 85 12.60 7.31 -0.31
N LEU A 86 12.46 8.34 2.05
N LEU A 86 13.52 7.77 0.54
CA LEU A 86 12.87 7.47 3.16
CA LEU A 86 13.91 6.93 1.68
C LEU A 86 11.69 7.15 4.06
C LEU A 86 12.72 6.69 2.60
N ASN A 87 10.82 8.14 4.28
N ASN A 87 11.93 7.72 2.85
CA ASN A 87 9.60 7.86 5.03
CA ASN A 87 10.70 7.54 3.62
C ASN A 87 8.77 6.81 4.32
C ASN A 87 9.80 6.50 2.97
N PHE A 88 8.71 6.90 2.99
N PHE A 88 9.58 6.63 1.66
CA PHE A 88 7.96 5.92 2.22
CA PHE A 88 8.86 5.61 0.90
C PHE A 88 8.58 4.54 2.33
C PHE A 88 9.48 4.24 1.08
N ILE A 89 9.91 4.47 2.19
N ILE A 89 10.82 4.15 0.98
CA ILE A 89 10.63 3.19 2.32
CA ILE A 89 11.51 2.88 1.16
C ILE A 89 10.41 2.58 3.69
C ILE A 89 11.18 2.30 2.53
N ALA A 90 10.55 3.40 4.74
N ALA A 90 11.23 3.14 3.56
CA ALA A 90 10.31 2.91 6.10
CA ALA A 90 10.98 2.64 4.92
C ALA A 90 8.90 2.35 6.23
C ALA A 90 9.56 2.10 5.07
N LYS A 91 7.91 3.01 5.64
N LYS A 91 8.58 2.77 4.47
CA LYS A 91 6.53 2.51 5.69
CA LYS A 91 7.20 2.28 4.47
C LYS A 91 6.39 1.22 4.89
C LYS A 91 7.09 0.97 3.72
N ALA A 92 7.03 1.15 3.71
N ALA A 92 7.69 0.88 2.53
CA ALA A 92 6.92 -0.01 2.85
CA ALA A 92 7.55 -0.30 1.69
C ALA A 92 7.59 -1.22 3.47
C ALA A 92 8.12 -1.54 2.36
N VAL A 93 8.71 -1.02 4.17
N VAL A 93 9.25 -1.38 3.07
CA VAL A 93 9.39 -2.14 4.81
CA VAL A 93 9.89 -2.53 3.72
C VAL A 93 8.54 -2.69 5.96
C VAL A 93 9.04 -2.99 4.89
N VAL A 94 7.99 -1.80 6.79
N VAL A 94 8.60 -2.05 5.73
CA VAL A 94 7.10 -2.24 7.87
CA VAL A 94 7.72 -2.41 6.84
C VAL A 94 5.87 -2.93 7.29
C VAL A 94 6.44 -3.05 6.32
N HIS A 95 5.30 -2.38 6.22
N HIS A 95 5.89 -2.51 5.23
CA HIS A 95 4.15 -3.01 5.58
CA HIS A 95 4.70 -3.11 4.64
C HIS A 95 4.49 -4.42 5.10
C HIS A 95 4.98 -4.53 4.16
N GLN A 96 5.69 -4.60 4.53
N GLN A 96 6.16 -4.76 3.58
CA GLN A 96 6.10 -5.94 4.11
CA GLN A 96 6.53 -6.12 3.20
C GLN A 96 6.18 -6.88 5.30
C GLN A 96 6.60 -7.04 4.41
N ALA A 97 6.66 -6.40 6.45
N ALA A 97 7.07 -6.51 5.55
CA ALA A 97 6.71 -7.22 7.65
CA ALA A 97 7.11 -7.29 6.77
C ALA A 97 5.32 -7.58 8.12
C ALA A 97 5.71 -7.57 7.31
N GLU A 98 4.37 -6.65 7.98
N GLU A 98 4.78 -6.63 7.12
CA GLU A 98 2.99 -6.89 8.38
CA GLU A 98 3.40 -6.85 7.54
C GLU A 98 2.27 -7.87 7.47
C GLU A 98 2.69 -7.89 6.69
N THR A 99 2.73 -8.04 6.24
N THR A 99 3.17 -8.14 5.48
CA THR A 99 1.98 -8.78 5.22
CA THR A 99 2.47 -9.01 4.54
C THR A 99 2.71 -10.03 4.74
C THR A 99 3.26 -10.29 4.27
N GLU A 100 3.92 -9.89 4.17
N GLU A 100 4.21 -10.23 3.32
CA GLU A 100 4.62 -11.06 3.63
CA GLU A 100 4.93 -11.43 2.92
C GLU A 100 5.31 -11.86 4.74
C GLU A 100 5.55 -12.14 4.12
N VAL A 101 6.03 -11.18 5.64
N VAL A 101 6.09 -11.37 5.08
CA VAL A 101 6.68 -11.88 6.73
CA VAL A 101 6.70 -11.98 6.25
C VAL A 101 5.65 -12.59 7.58
C VAL A 101 5.62 -12.53 7.18
N ARG A 102 4.45 -12.01 7.70
N ARG A 102 4.44 -11.91 7.19
CA ARG A 102 3.35 -12.62 8.44
CA ARG A 102 3.33 -12.46 7.97
C ARG A 102 3.04 -14.03 7.92
C ARG A 102 2.93 -13.85 7.48
N VAL A 103 2.98 -14.20 6.60
N VAL A 103 2.95 -14.06 6.16
CA VAL A 103 2.63 -15.49 6.02
CA VAL A 103 2.58 -15.36 5.60
C VAL A 103 3.86 -16.40 5.82
C VAL A 103 3.76 -16.29 5.42
N LYS A 104 5.05 -15.83 5.74
N LYS A 104 4.99 -15.76 5.37
CA LYS A 104 6.28 -16.58 5.47
CA LYS A 104 6.20 -16.54 5.11
C LYS A 104 7.37 -16.01 6.35
C LYS A 104 7.29 -16.02 6.03
N PRO A 105 7.43 -16.43 7.62
N PRO A 105 7.29 -16.42 7.31
CA PRO A 105 8.33 -15.74 8.57
CA PRO A 105 8.20 -15.79 8.28
C PRO A 105 9.78 -15.71 8.13
C PRO A 105 9.67 -15.86 7.87
N GLU A 106 10.26 -16.76 7.47
N GLU A 106 10.09 -16.94 7.24
CA GLU A 106 11.66 -16.78 7.06
CA GLU A 106 11.49 -17.08 6.83
C GLU A 106 11.99 -15.67 6.08
C GLU A 106 11.91 -15.99 5.86
N SER A 107 10.97 -15.05 5.46
N SER A 107 10.97 -15.43 5.10
CA SER A 107 11.24 -13.94 4.56
CA SER A 107 11.32 -14.39 4.14
C SER A 107 11.73 -12.70 5.31
C SER A 107 11.89 -13.14 4.81
N ALA A 108 11.67 -12.71 6.64
N ALA A 108 11.74 -13.00 6.14
CA ALA A 108 12.24 -11.61 7.40
CA ALA A 108 12.40 -11.90 6.84
C ALA A 108 13.75 -11.55 7.31
C ALA A 108 13.92 -11.99 6.77
N LEU A 109 14.41 -12.68 7.01
N LEU A 109 14.48 -13.18 6.56
CA LEU A 109 15.88 -12.68 6.94
CA LEU A 109 15.96 -13.29 6.51
C LEU A 109 16.37 -11.83 5.78
C LEU A 109 16.51 -12.54 5.30
N PRO A 110 16.02 -12.11 4.51
N PRO A 110 16.14 -12.88 4.06
CA PRO A 110 16.47 -11.21 3.44
CA PRO A 110 16.61 -12.07 2.91
C PRO A 110 16.00 -9.78 3.64
C PRO A 110 16.22 -10.60 3.01
N LEU A 111 14.79 -9.58 4.14
N LEU A 111 15.01 -10.31 3.47
CA LEU A 111 14.26 -8.23 4.30
CA LEU A 111 14.56 -8.92 3.53
C LEU A 111 15.03 -7.47 5.37
C LEU A 111 15.41 -8.13 4.53
N GLY A 112 15.35 -8.14 6.47
N GLY A 112 15.79 -8.75 5.64
CA GLY A 112 16.16 -7.51 7.50
CA GLY A 112 16.59 -8.05 6.64
C GLY A 112 17.54 -7.16 6.99
C GLY A 112 18.01 -7.83 6.18
N LYS A 113 18.15 -8.05 6.20
N LYS A 113 18.58 -8.79 5.44
CA LYS A 113 19.46 -7.73 5.63
CA LYS A 113 19.89 -8.58 4.85
C LYS A 113 19.37 -6.49 4.76
C LYS A 113 19.87 -7.38 3.91
N LEU A 114 18.34 -6.40 3.93
N LEU A 114 18.85 -7.32 3.04
CA LEU A 114 18.18 -5.25 3.06
CA LEU A 114 18.74 -6.21 2.12
C LEU A 114 17.98 -3.98 3.88
C LEU A 114 18.54 -4.90 2.86
N THR A 115 17.13 -4.05 4.89
N THR A 115 17.71 -4.92 3.90
CA THR A 115 16.83 -2.87 5.70
CA THR A 115 17.40 -3.70 4.62
C THR A 115 18.05 -2.41 6.47
C THR A 115 18.60 -3.19 5.39
N LEU A 116 18.78 -3.35 7.09
N LEU A 116 19.33 -4.10 6.07
CA LEU A 116 20.00 -2.97 7.79
CA LEU A 116 20.54 -3.67 6.76
C LEU A 116 20.98 -2.27 6.86
C LEU A 116 21.53 -3.07 5.79
N TYR A 117 21.12 -2.76 5.64
N TYR A 117 21.72 -3.69 4.63
CA TYR A 117 22.00 -2.10 4.68
CA TYR A 117 22.61 -3.13 3.61
C TYR A 117 21.53 -0.68 4.38
C TYR A 117 22.20 -1.71 3.23
N LEU A 118 20.23 -0.52 4.14
N LEU A 118 20.90 -1.51 2.98
CA LEU A 118 19.72 0.82 3.86
CA LEU A 118 20.44 -0.16 2.63
C LEU A 118 19.88 1.73 5.08
C LEU A 118 20.60 0.79 3.81
N LEU A 119 19.84 1.17 6.28
N LEU A 119 20.53 0.26 5.03
CA LEU A 119 19.89 1.99 7.49
CA LEU A 119 20.54 1.11 6.20
C LEU A 119 21.25 2.61 7.70
C LEU A 119 21.90 1.76 6.42
N VAL A 120 22.32 1.97 7.23
N VAL A 120 22.98 1.12 5.97
CA VAL A 120 23.67 2.53 7.37
CA VAL A 120 24.31 1.72 6.09
C VAL A 120 24.06 3.35 6.12
C VAL A 120 24.83 2.21 4.75
N GLN A 121 23.60 2.95 4.94
N GLN A 121 24.33 1.67 3.63
CA GLN A 121 23.88 3.75 3.75
CA GLN A 121 24.62 2.29 2.34
C GLN A 121 23.19 5.10 3.81
C GLN A 121 24.00 3.69 2.26
N PHE A 122 21.99 5.14 4.40
N PHE A 122 22.84 3.88 2.88
CA PHE A 122 21.15 6.34 4.45
CA PHE A 122 22.14 5.16 2.88
C PHE A 122 20.68 6.51 5.89
C PHE A 122 21.73 5.49 4.30
N PRO A 123 21.53 7.04 6.77
N PRO A 123 22.70 5.90 5.14
CA PRO A 123 21.21 7.03 8.21
CA PRO A 123 22.44 6.04 6.58
C PRO A 123 20.09 7.97 8.64
C PRO A 123 21.30 6.98 6.94
N GLU A 124 19.63 8.88 7.78
N GLU A 124 20.94 7.91 6.05
CA GLU A 124 18.40 9.60 8.11
CA GLU A 124 19.79 8.77 6.32
C GLU A 124 17.23 8.63 8.23
C GLU A 124 18.51 7.96 6.51
N LEU A 125 17.35 7.44 7.64
N LEU A 125 18.46 6.75 5.96
CA LEU A 125 16.29 6.44 7.71
CA LEU A 125 17.31 5.87 6.11
C LEU A 125 16.11 5.87 9.11
C LEU A 125 17.11 5.41 7.55
N GLN A 126 17.16 5.92 9.96
N GLN A 126 18.16 5.38 8.36
CA GLN A 126 17.10 5.25 11.25
CA GLN A 126 18.11 4.74 9.67
C GLN A 126 15.99 5.81 12.12
C GLN A 126 17.01 5.32 10.57
N GLU A 127 15.91 7.14 12.25
N GLU A 127 17.01 6.63 10.79
CA GLU A 127 14.87 7.71 13.12
CA GLU A 127 15.99 7.18 11.68
C GLU A 127 13.49 7.56 12.49
C GLU A 127 14.62 7.25 11.01
N LEU A 128 13.41 7.69 11.18
N LEU A 128 14.56 7.27 9.68
CA LEU A 128 12.13 7.52 10.49
CA LEU A 128 13.28 7.13 9.00
C LEU A 128 11.62 6.09 10.65
C LEU A 128 12.70 5.74 9.23
N PHE A 129 12.53 5.13 10.52
N PHE A 129 13.56 4.72 9.20
CA PHE A 129 12.18 3.71 10.62
CA PHE A 129 13.12 3.34 9.32
C PHE A 129 11.80 3.35 12.06
C PHE A 129 12.72 3.02 10.75
N MET A 130 12.62 3.77 13.03
N MET A 130 13.49 3.49 11.73
CA MET A 130 12.33 3.43 14.41
CA MET A 130 13.16 3.21 13.12
C MET A 130 11.05 4.11 14.89
C MET A 130 11.86 3.91 13.52
N ALA A 131 10.79 5.33 14.44
N ALA A 131 11.72 5.18 13.17
CA ALA A 131 9.54 5.98 14.80
CA ALA A 131 10.46 5.88 13.44
C ALA A 131 8.36 5.19 14.27
C ALA A 131 9.28 5.09 12.89
N ARG A 132 8.46 4.70 13.05
N ARG A 132 9.41 4.56 11.68
CA ARG A 132 7.37 3.93 12.46
CA ARG A 132 8.31 3.82 11.09
C ARG A 132 7.19 2.59 13.17
C ARG A 132 8.04 2.54 11.86
N LEU A 133 8.29 1.93 13.54
N LEU A 133 9.11 1.84 12.29
CA LEU A 133 8.21 0.68 14.29
CA LEU A 133 8.95 0.60 13.04
C LEU A 133 7.53 0.87 15.64
C LEU A 133 8.26 0.84 14.38
N VAL A 134 7.93 1.91 16.39
N VAL A 134 8.76 1.82 15.13
CA VAL A 134 7.38 2.11 17.72
CA VAL A 134 8.19 2.11 16.45
C VAL A 134 5.90 2.48 17.64
C VAL A 134 6.72 2.49 16.32
N LYS A 135 5.54 3.38 16.73
N LYS A 135 6.41 3.40 15.41
CA LYS A 135 4.13 3.74 16.58
CA LYS A 135 5.03 3.84 15.23
C LYS A 135 3.27 2.53 16.26
C LYS A 135 4.11 2.66 14.96
N LYS A 136 3.73 1.71 15.32
N LYS A 136 4.53 1.74 14.10
CA LYS A 136 2.90 0.59 14.87
CA LYS A 136 3.69 0.65 13.67
C LYS A 136 3.05 -0.61 15.78
C LYS A 136 3.76 -0.55 14.61
N CYS A 137 4.17 -0.73 16.46
N CYS A 137 4.81 -0.65 15.42
CA CYS A 137 4.47 -1.92 17.25
CA CYS A 137 5.03 -1.82 16.28
C CYS A 137 5.29 -1.51 18.47
C CYS A 137 5.86 -1.40 17.46
N PRO A 138 4.65 -0.97 19.50
N PRO A 138 5.24 -0.82 18.48
CA PRO A 138 5.40 -0.46 20.66
CA PRO A 138 6.01 -0.29 19.62
C PRO A 138 6.16 -1.53 21.42
C PRO A 138 6.82 -1.34 20.35
N PHE A 139 5.92 -2.81 21.13
N PHE A 139 6.55 -2.62 20.10
CA PHE A 139 6.68 -3.86 21.75
CA PHE A 139 7.27 -3.68 20.81
C PHE A 139 8.16 -3.80 21.41
C PHE A 139 8.75 -3.70 20.44
N VAL A 140 8.53 -3.10 20.33
N VAL A 140 9.15 -3.06 19.34
CA VAL A 140 9.93 -3.09 19.91
CA VAL A 140 10.56 -3.09 18.94
C VAL A 140 10.81 -2.36 20.91
C VAL A 140 11.43 -2.34 19.95
N ILE A 141 10.23 -1.53 21.77
N ILE A 141 10.86 -1.39 20.68
CA ILE A 141 10.96 -0.89 22.86
CA ILE A 141 11.57 -0.73 21.77
C ILE A 141 10.40 -1.28 24.23
C ILE A 141 11.00 -1.12 23.13
N GLY A 142 9.51 -2.28 24.29
N GLY A 142 10.15 -2.14 23.19
CA GLY A 142 9.00 -2.71 25.57
CA GLY A 142 9.63 -2.62 24.44
C GLY A 142 7.98 -1.80 26.20
C GLY A 142 8.60 -1.71 25.08
N PHE A 143 7.30 -0.98 25.41
N PHE A 143 7.91 -0.90 24.29
CA PHE A 143 6.21 -0.16 25.92
CA PHE A 143 6.90 0.02 24.81
C PHE A 143 4.92 -0.96 25.94
C PHE A 143 5.55 -0.67 24.89
N THR A 144 4.22 -0.90 27.08
N THR A 144 4.85 -0.50 26.02
CA THR A 144 2.90 -1.51 27.21
CA THR A 144 3.52 -1.05 26.20
C THR A 144 2.01 -0.63 28.05
C THR A 144 2.70 -0.10 27.07
N CYS A 145 0.77 -0.43 27.59
N CYS A 145 1.42 0.04 26.72
CA CYS A 145 -0.26 0.23 28.37
CA CYS A 145 0.44 0.69 27.58
C CYS A 145 -1.51 -0.63 28.30
C CYS A 145 -0.86 -0.10 27.53
N GLU A 146 -2.51 -0.24 29.09
N GLU A 146 -1.76 0.20 28.46
CA GLU A 146 -3.80 -0.91 29.05
CA GLU A 146 -3.02 -0.54 28.58
C GLU A 146 -4.46 -0.72 27.69
C GLU A 146 -3.85 -0.40 27.30
N ILE A 147 -5.15 -1.75 27.21
N ILE A 147 -4.83 -1.31 27.14
CA ILE A 147 -5.93 -1.66 25.99
CA ILE A 147 -5.70 -1.31 25.97
C ILE A 147 -7.42 -1.79 26.29
C ILE A 147 -7.15 -1.48 26.38
N ASP A 148 -7.83 -1.46 27.52
N ASP A 148 -7.47 -1.21 27.65
CA ASP A 148 -9.25 -1.41 27.86
CA ASP A 148 -8.85 -1.25 28.11
C ASP A 148 -9.91 -0.14 27.35
C ASP A 148 -9.65 -0.03 27.69
N THR A 149 -9.18 0.97 27.32
N THR A 149 -8.98 1.05 27.31
CA THR A 149 -9.70 2.23 26.82
CA THR A 149 -9.63 2.26 26.81
C THR A 149 -9.36 2.41 25.34
C THR A 149 -9.33 2.41 25.33
N GLU A 150 -10.15 3.26 24.67
CA GLU A 150 -9.92 3.50 23.25
C GLU A 150 -8.55 4.12 23.00
N LYS A 151 -8.14 5.05 23.86
CA LYS A 151 -6.84 5.69 23.69
C LYS A 151 -5.70 4.68 23.84
N GLY A 152 -5.82 3.77 24.79
CA GLY A 152 -4.79 2.75 24.95
C GLY A 152 -4.66 1.85 23.75
N ARG A 153 -5.80 1.38 23.22
CA ARG A 153 -5.80 0.59 21.99
C ARG A 153 -5.01 1.29 20.89
N GLN A 154 -5.31 2.58 20.67
CA GLN A 154 -4.62 3.34 19.64
C GLN A 154 -3.11 3.37 19.87
N ASN A 155 -2.69 3.64 21.11
CA ASN A 155 -1.26 3.72 21.39
C ASN A 155 -0.57 2.42 21.05
N MET A 156 -1.22 1.29 21.31
CA MET A 156 -0.62 -0.02 21.09
C MET A 156 -0.70 -0.47 19.65
N GLY A 157 -1.16 0.37 18.72
CA GLY A 157 -1.10 0.09 17.30
C GLY A 157 -2.29 -0.63 16.71
N TRP A 158 -3.42 -0.68 17.41
CA TRP A 158 -4.62 -1.31 16.89
C TRP A 158 -5.26 -0.46 15.79
N LYS A 159 -5.82 -1.12 14.80
CA LYS A 159 -6.57 -0.47 13.74
C LYS A 159 -8.06 -0.69 13.92
N ARG A 160 -8.84 0.09 13.18
CA ARG A 160 -10.28 -0.03 13.16
C ARG A 160 -10.73 -0.96 12.04
N ASN A 161 -11.56 -1.95 12.39
CA ASN A 161 -12.32 -2.68 11.40
C ASN A 161 -13.35 -1.78 10.74
N ASN A 162 -14.03 -0.95 11.54
CA ASN A 162 -14.98 0.01 11.00
C ASN A 162 -15.14 1.16 12.00
N GLU A 163 -16.35 1.70 12.10
CA GLU A 163 -16.66 2.67 13.15
C GLU A 163 -16.99 1.92 14.44
N ASN A 164 -16.08 2.01 15.41
CA ASN A 164 -16.23 1.44 16.75
C ASN A 164 -16.15 -0.09 16.80
N LYS A 165 -15.49 -0.73 15.83
CA LYS A 165 -15.10 -2.14 15.93
C LYS A 165 -13.61 -2.24 15.68
N TRP A 166 -12.89 -2.80 16.64
CA TRP A 166 -11.45 -3.01 16.49
C TRP A 166 -11.16 -4.15 15.52
N GLU A 167 -9.98 -4.10 14.93
CA GLU A 167 -9.53 -5.19 14.06
C GLU A 167 -9.44 -6.46 14.89
N ASP A 168 -9.69 -7.60 14.24
CA ASP A 168 -9.75 -8.82 15.03
C ASP A 168 -8.38 -9.14 15.60
N ASN A 169 -8.39 -9.94 16.68
CA ASN A 169 -7.17 -10.20 17.42
C ASN A 169 -6.12 -10.87 16.54
N THR A 170 -6.54 -11.81 15.69
CA THR A 170 -5.59 -12.51 14.83
C THR A 170 -4.89 -11.54 13.89
N SER A 171 -5.64 -10.61 13.30
CA SER A 171 -5.05 -9.63 12.39
C SER A 171 -3.98 -8.82 13.10
N TYR A 172 -4.32 -8.26 14.24
CA TYR A 172 -3.38 -7.45 15.01
C TYR A 172 -2.16 -8.26 15.42
N ASP A 173 -2.39 -9.43 16.00
CA ASP A 173 -1.28 -10.23 16.50
C ASP A 173 -0.33 -10.61 15.37
N GLU A 174 -0.87 -11.00 14.22
CA GLU A 174 0.00 -11.47 13.15
C GLU A 174 0.77 -10.33 12.52
N ARG A 175 0.16 -9.13 12.44
CA ARG A 175 0.90 -7.94 12.03
C ARG A 175 2.03 -7.62 13.01
N MET A 176 1.75 -7.65 14.32
CA MET A 176 2.80 -7.33 15.28
C MET A 176 3.94 -8.34 15.17
N GLY A 177 3.61 -9.62 15.00
CA GLY A 177 4.64 -10.64 14.94
C GLY A 177 5.52 -10.47 13.73
N GLY A 178 4.92 -10.11 12.59
CA GLY A 178 5.70 -9.91 11.38
C GLY A 178 6.64 -8.73 11.50
N ILE A 179 6.15 -7.61 12.06
CA ILE A 179 7.02 -6.45 12.23
C ILE A 179 8.16 -6.79 13.18
N LEU A 180 7.84 -7.38 14.32
CA LEU A 180 8.90 -7.66 15.27
C LEU A 180 9.90 -8.68 14.72
N SER A 181 9.42 -9.66 13.93
CA SER A 181 10.28 -10.61 13.23
C SER A 181 11.37 -9.89 12.45
N LEU A 182 10.97 -8.88 11.70
CA LEU A 182 11.94 -8.13 10.91
C LEU A 182 12.94 -7.41 11.80
N PHE A 183 12.47 -6.75 12.85
CA PHE A 183 13.38 -6.03 13.72
C PHE A 183 14.31 -7.01 14.44
N ALA A 184 13.78 -8.13 14.88
CA ALA A 184 14.58 -9.16 15.52
C ALA A 184 15.76 -9.58 14.64
N ILE A 185 15.47 -9.92 13.38
CA ILE A 185 16.51 -10.27 12.40
C ILE A 185 17.58 -9.18 12.38
N ILE A 186 17.17 -7.92 12.22
CA ILE A 186 18.13 -6.84 12.10
C ILE A 186 19.05 -6.80 13.31
N THR A 187 18.52 -7.01 14.51
CA THR A 187 19.38 -6.90 15.69
C THR A 187 20.43 -8.01 15.76
N ARG A 188 20.23 -9.14 15.09
CA ARG A 188 21.16 -10.25 15.19
C ARG A 188 21.98 -10.46 13.92
N LEU A 189 21.78 -9.64 12.90
CA LEU A 189 22.65 -9.63 11.74
C LEU A 189 23.88 -8.79 12.01
N GLN A 190 25.01 -9.21 11.44
CA GLN A 190 26.22 -8.38 11.43
C GLN A 190 26.19 -7.46 10.23
N LEU A 191 26.82 -6.30 10.40
CA LEU A 191 26.96 -5.40 9.28
C LEU A 191 27.74 -6.09 8.17
N PRO A 192 27.42 -5.80 6.91
CA PRO A 192 28.28 -6.22 5.81
C PRO A 192 29.71 -5.73 5.97
N GLN A 193 30.63 -6.42 5.30
CA GLN A 193 32.05 -6.10 5.38
C GLN A 193 32.35 -4.66 4.98
N GLU A 194 31.49 -4.02 4.19
CA GLU A 194 31.75 -2.69 3.68
C GLU A 194 31.60 -1.61 4.74
N PHE A 195 30.88 -1.91 5.83
N PHE A 195 30.91 -1.91 5.85
CA PHE A 195 30.60 -0.96 6.89
CA PHE A 195 30.68 -0.92 6.89
C PHE A 195 31.15 -1.37 8.25
C PHE A 195 31.12 -1.37 8.28
N ILE A 196 31.43 -2.65 8.47
CA ILE A 196 31.58 -3.18 9.84
C ILE A 196 32.80 -2.59 10.54
N THR A 197 33.85 -2.20 9.79
CA THR A 197 35.00 -1.57 10.42
C THR A 197 34.77 -0.08 10.65
N THR A 198 33.90 0.55 9.86
CA THR A 198 33.74 1.99 9.86
C THR A 198 32.50 2.48 10.60
N THR A 199 31.49 1.61 10.78
CA THR A 199 30.18 2.05 11.23
C THR A 199 29.73 1.18 12.40
N SER A 200 29.15 1.81 13.40
CA SER A 200 28.46 1.06 14.45
C SER A 200 27.17 0.49 13.91
N HIS A 201 26.84 -0.71 14.33
CA HIS A 201 25.54 -1.29 13.97
C HIS A 201 24.45 -0.38 14.52
N PRO A 202 23.53 0.11 13.69
CA PRO A 202 22.56 1.10 14.20
C PRO A 202 21.49 0.52 15.11
N PHE A 203 21.24 -0.79 15.10
CA PHE A 203 20.20 -1.42 15.92
C PHE A 203 20.71 -2.76 16.41
N PRO A 204 21.64 -2.75 17.34
CA PRO A 204 22.42 -3.95 17.66
C PRO A 204 21.68 -4.90 18.60
N ILE A 205 22.35 -6.01 18.92
CA ILE A 205 21.70 -7.11 19.62
C ILE A 205 21.24 -6.68 21.01
N ALA A 206 21.88 -5.65 21.60
CA ALA A 206 21.40 -5.12 22.87
C ALA A 206 19.93 -4.77 22.83
N LEU A 207 19.42 -4.37 21.66
CA LEU A 207 18.03 -3.94 21.58
C LEU A 207 17.08 -5.12 21.74
N SER A 208 17.51 -6.33 21.37
CA SER A 208 16.75 -7.53 21.67
C SER A 208 16.75 -7.83 23.16
N TRP A 209 17.88 -7.64 23.84
CA TRP A 209 17.87 -7.75 25.29
C TRP A 209 16.82 -6.81 25.90
N HIS A 210 16.76 -5.56 25.42
CA HIS A 210 15.80 -4.60 25.98
C HIS A 210 14.38 -5.11 25.87
N ILE A 211 14.03 -5.67 24.72
CA ILE A 211 12.65 -6.14 24.50
C ILE A 211 12.27 -7.19 25.52
N LEU A 212 13.11 -8.22 25.66
CA LEU A 212 12.78 -9.32 26.55
C LEU A 212 12.76 -8.86 27.99
N ALA A 213 13.77 -8.07 28.39
CA ALA A 213 13.83 -7.59 29.77
C ALA A 213 12.63 -6.73 30.11
N ARG A 214 12.25 -5.82 29.22
CA ARG A 214 11.19 -4.87 29.52
C ARG A 214 9.84 -5.56 29.60
N ILE A 215 9.59 -6.52 28.71
CA ILE A 215 8.36 -7.28 28.81
C ILE A 215 8.33 -8.09 30.10
N CYS A 216 9.46 -8.69 30.47
CA CYS A 216 9.52 -9.42 31.74
C CYS A 216 9.35 -8.49 32.94
N ASN A 217 9.59 -7.20 32.78
CA ASN A 217 9.44 -6.25 33.87
C ASN A 217 8.11 -5.52 33.84
N THR A 218 7.26 -5.84 32.86
CA THR A 218 5.99 -5.14 32.67
C THR A 218 4.95 -5.66 33.67
N PRO A 219 4.18 -4.77 34.31
CA PRO A 219 3.10 -5.25 35.21
C PRO A 219 2.24 -6.29 34.50
N LEU A 220 2.05 -7.43 35.18
CA LEU A 220 1.45 -8.58 34.51
C LEU A 220 0.02 -8.29 34.08
N ASN A 221 -0.67 -7.36 34.76
CA ASN A 221 -2.02 -7.00 34.36
C ASN A 221 -2.06 -6.35 32.99
N LEU A 222 -0.91 -5.97 32.41
CA LEU A 222 -0.85 -5.39 31.08
C LEU A 222 -0.39 -6.36 30.01
N ILE A 223 0.03 -7.57 30.39
CA ILE A 223 0.47 -8.58 29.44
C ILE A 223 -0.75 -9.17 28.74
N THR A 224 -0.65 -9.30 27.42
CA THR A 224 -1.72 -9.86 26.61
C THR A 224 -1.11 -10.92 25.71
N ASN A 225 -1.98 -11.59 24.94
CA ASN A 225 -1.48 -12.62 24.04
C ASN A 225 -0.40 -12.09 23.12
N THR A 226 -0.50 -10.80 22.73
CA THR A 226 0.41 -10.24 21.73
C THR A 226 1.85 -10.24 22.21
N HIS A 227 2.08 -10.01 23.51
CA HIS A 227 3.44 -10.09 24.03
C HIS A 227 4.04 -11.45 23.75
N PHE A 228 3.25 -12.51 23.92
CA PHE A 228 3.76 -13.85 23.69
C PHE A 228 3.96 -14.10 22.21
N VAL A 229 3.04 -13.58 21.38
CA VAL A 229 3.19 -13.71 19.94
C VAL A 229 4.50 -13.08 19.48
N ILE A 230 4.76 -11.84 19.86
CA ILE A 230 5.96 -11.18 19.33
C ILE A 230 7.21 -11.85 19.90
N LEU A 231 7.14 -12.38 21.13
CA LEU A 231 8.30 -13.10 21.68
C LEU A 231 8.57 -14.38 20.90
N GLY A 232 7.53 -15.06 20.45
CA GLY A 232 7.72 -16.25 19.64
C GLY A 232 8.23 -15.92 18.26
N SER A 233 7.70 -14.85 17.65
CA SER A 233 8.27 -14.39 16.38
C SER A 233 9.72 -14.00 16.55
N TRP A 234 10.03 -13.28 17.63
CA TRP A 234 11.40 -12.91 17.95
C TRP A 234 12.27 -14.15 18.07
N TRP A 235 11.80 -15.15 18.82
CA TRP A 235 12.56 -16.37 19.07
C TRP A 235 12.94 -17.08 17.78
N ASP A 236 11.96 -17.30 16.91
CA ASP A 236 12.22 -17.97 15.63
C ASP A 236 13.24 -17.20 14.80
N ALA A 237 13.28 -15.88 14.93
CA ALA A 237 14.19 -15.04 14.17
C ALA A 237 15.58 -14.88 14.78
N ALA A 238 15.73 -14.99 16.12
CA ALA A 238 16.97 -14.52 16.74
C ALA A 238 17.42 -15.30 17.97
N ALA A 239 16.69 -16.31 18.45
CA ALA A 239 17.09 -16.95 19.71
C ALA A 239 18.48 -17.57 19.61
N VAL A 240 18.80 -18.24 18.50
CA VAL A 240 20.11 -18.85 18.33
C VAL A 240 21.21 -17.82 18.53
N GLN A 241 21.06 -16.66 17.90
CA GLN A 241 22.10 -15.64 17.95
C GLN A 241 22.12 -14.91 19.28
N PHE A 242 20.96 -14.80 19.94
CA PHE A 242 20.90 -14.20 21.27
C PHE A 242 21.71 -15.02 22.27
N LEU A 243 21.58 -16.34 22.19
CA LEU A 243 22.40 -17.22 23.01
C LEU A 243 23.88 -17.08 22.69
N GLN A 244 24.23 -16.93 21.41
CA GLN A 244 25.62 -16.70 21.05
C GLN A 244 26.16 -15.44 21.70
N ALA A 245 25.32 -14.40 21.76
CA ALA A 245 25.77 -13.10 22.23
C ALA A 245 25.93 -13.08 23.74
N TYR A 246 24.97 -13.63 24.48
CA TYR A 246 24.92 -13.45 25.92
C TYR A 246 24.94 -14.75 26.73
N GLY A 247 25.07 -15.91 26.07
CA GLY A 247 25.35 -17.15 26.76
C GLY A 247 24.42 -17.46 27.91
N ASN A 248 25.01 -17.71 29.09
CA ASN A 248 24.23 -18.11 30.25
C ASN A 248 23.22 -17.04 30.65
N GLN A 249 23.53 -15.77 30.40
CA GLN A 249 22.59 -14.70 30.75
C GLN A 249 21.42 -14.66 29.78
N ALA A 250 21.70 -14.84 28.49
CA ALA A 250 20.61 -15.08 27.55
C ALA A 250 19.76 -16.26 27.98
N SER A 251 20.41 -17.34 28.43
CA SER A 251 19.66 -18.54 28.81
C SER A 251 18.72 -18.27 29.97
N LYS A 252 19.19 -17.53 30.98
CA LYS A 252 18.31 -17.18 32.08
C LYS A 252 17.10 -16.39 31.58
N LEU A 253 17.30 -15.52 30.60
CA LEU A 253 16.19 -14.68 30.14
C LEU A 253 15.24 -15.49 29.27
N LEU A 254 15.76 -16.44 28.48
CA LEU A 254 14.87 -17.32 27.72
C LEU A 254 14.04 -18.19 28.64
N ILE A 255 14.64 -18.69 29.71
CA ILE A 255 13.87 -19.45 30.70
C ILE A 255 12.81 -18.56 31.33
N LEU A 256 13.14 -17.30 31.59
CA LEU A 256 12.17 -16.42 32.23
C LEU A 256 10.96 -16.20 31.34
N ILE A 257 11.18 -15.94 30.04
CA ILE A 257 10.01 -15.72 29.16
C ILE A 257 9.29 -17.03 28.86
N GLY A 258 10.03 -18.11 28.64
CA GLY A 258 9.40 -19.33 28.14
C GLY A 258 8.77 -20.19 29.21
N GLU A 259 9.32 -20.19 30.42
N GLU A 259 9.29 -20.14 30.44
CA GLU A 259 8.77 -20.95 31.54
CA GLU A 259 8.83 -20.95 31.55
C GLU A 259 7.98 -20.05 32.49
C GLU A 259 8.05 -20.13 32.58
N GLU A 260 8.63 -19.02 33.05
CA GLU A 260 8.01 -18.26 34.13
C GLU A 260 6.88 -17.38 33.62
N LEU A 261 7.11 -16.60 32.56
CA LEU A 261 6.07 -15.70 32.07
C LEU A 261 4.86 -16.49 31.57
N THR A 262 5.09 -17.57 30.82
CA THR A 262 3.97 -18.38 30.35
C THR A 262 3.23 -19.03 31.52
N SER A 263 3.98 -19.51 32.53
CA SER A 263 3.34 -20.14 33.69
C SER A 263 2.44 -19.15 34.42
N ARG A 264 2.92 -17.92 34.60
CA ARG A 264 2.17 -16.94 35.39
C ARG A 264 0.87 -16.53 34.70
N MET A 265 0.79 -16.67 33.37
CA MET A 265 -0.39 -16.30 32.60
C MET A 265 -1.17 -17.53 32.12
N ALA A 266 -0.91 -18.71 32.70
CA ALA A 266 -1.39 -19.96 32.11
C ALA A 266 -2.91 -20.02 32.04
N GLU A 267 -3.61 -19.42 33.00
CA GLU A 267 -5.06 -19.53 32.99
C GLU A 267 -5.71 -18.72 31.88
N LYS A 268 -4.98 -17.78 31.28
CA LYS A 268 -5.52 -17.06 30.12
C LYS A 268 -5.57 -17.93 28.87
N LYS A 269 -4.81 -19.03 28.85
CA LYS A 269 -4.70 -19.92 27.68
C LYS A 269 -4.45 -19.12 26.41
N TYR A 270 -3.47 -18.23 26.49
CA TYR A 270 -3.05 -17.47 25.32
C TYR A 270 -2.39 -18.41 24.32
N VAL A 271 -2.86 -18.34 23.07
CA VAL A 271 -2.30 -19.20 22.02
C VAL A 271 -0.81 -18.92 21.84
N GLY A 272 -0.42 -17.64 21.90
CA GLY A 272 0.99 -17.29 21.79
C GLY A 272 1.84 -17.83 22.92
N ALA A 273 1.27 -17.92 24.12
CA ALA A 273 2.02 -18.47 25.25
C ALA A 273 2.27 -19.95 25.06
N ALA A 274 1.26 -20.68 24.58
CA ALA A 274 1.43 -22.11 24.29
C ALA A 274 2.56 -22.32 23.29
N ARG A 275 2.63 -21.49 22.25
CA ARG A 275 3.68 -21.64 21.25
C ARG A 275 5.04 -21.30 21.83
N LEU A 276 5.12 -20.26 22.67
CA LEU A 276 6.40 -19.92 23.28
C LEU A 276 6.89 -21.05 24.16
N ARG A 277 5.97 -21.71 24.88
CA ARG A 277 6.40 -22.84 25.70
C ARG A 277 6.91 -23.99 24.82
N ILE A 278 6.29 -24.20 23.66
CA ILE A 278 6.78 -25.23 22.73
C ILE A 278 8.20 -24.91 22.26
N LEU A 279 8.48 -23.63 21.99
CA LEU A 279 9.83 -23.21 21.60
C LEU A 279 10.82 -23.43 22.74
N LEU A 280 10.42 -23.08 23.97
CA LEU A 280 11.27 -23.38 25.12
C LEU A 280 11.58 -24.86 25.17
N GLU A 281 10.56 -25.70 24.99
CA GLU A 281 10.75 -27.15 25.07
C GLU A 281 11.68 -27.66 23.98
N ALA A 282 11.60 -27.10 22.77
CA ALA A 282 12.50 -27.53 21.71
C ALA A 282 13.94 -27.21 22.07
N TRP A 283 14.17 -26.03 22.66
CA TRP A 283 15.52 -25.64 23.09
C TRP A 283 16.00 -26.55 24.20
N GLN A 284 15.12 -26.82 25.17
CA GLN A 284 15.48 -27.73 26.26
C GLN A 284 15.82 -29.11 25.75
N ASN A 285 15.27 -29.50 24.60
CA ASN A 285 15.57 -30.78 23.97
C ASN A 285 16.65 -30.67 22.90
N ASN A 286 17.47 -29.62 22.93
CA ASN A 286 18.58 -29.50 21.98
C ASN A 286 18.08 -29.61 20.55
N ASN A 287 17.00 -28.89 20.28
CA ASN A 287 16.37 -28.89 18.98
C ASN A 287 15.91 -27.48 18.58
N MET A 288 16.64 -26.44 19.00
CA MET A 288 16.28 -25.06 18.64
C MET A 288 16.51 -24.85 17.14
N GLU A 289 15.49 -24.31 16.48
CA GLU A 289 15.54 -24.01 15.05
C GLU A 289 15.92 -22.56 14.79
N SER A 290 16.47 -22.35 13.60
CA SER A 290 16.71 -21.02 13.05
C SER A 290 16.33 -21.05 11.58
N PHE A 291 16.11 -19.89 11.00
CA PHE A 291 15.78 -19.84 9.59
C PHE A 291 16.93 -20.39 8.77
N PRO A 292 16.64 -21.14 7.71
CA PRO A 292 17.73 -21.69 6.89
C PRO A 292 18.63 -20.59 6.34
N GLU A 293 19.92 -20.89 6.27
CA GLU A 293 20.89 -19.98 5.67
C GLU A 293 20.47 -19.64 4.25
N MET A 294 20.78 -18.42 3.84
CA MET A 294 20.49 -18.04 2.47
C MET A 294 21.40 -18.78 1.51
N SER A 295 20.87 -19.13 0.35
CA SER A 295 21.57 -19.96 -0.63
C SER A 295 22.38 -19.07 -1.56
N PRO A 296 23.23 -19.66 -2.42
CA PRO A 296 24.11 -18.81 -3.23
C PRO A 296 23.35 -17.83 -4.13
N MET B 1 -31.41 0.10 -3.46
CA MET B 1 -31.62 -1.18 -4.14
C MET B 1 -31.41 -1.08 -5.65
N THR B 2 -30.80 -2.12 -6.21
CA THR B 2 -30.57 -2.25 -7.64
C THR B 2 -31.46 -3.36 -8.17
N ASN B 3 -32.14 -3.08 -9.28
CA ASN B 3 -32.92 -4.10 -9.99
C ASN B 3 -31.98 -4.73 -11.01
N PHE B 4 -31.52 -5.95 -10.74
CA PHE B 4 -30.50 -6.53 -11.60
C PHE B 4 -31.09 -7.09 -12.89
N ASP B 5 -32.42 -7.27 -12.96
CA ASP B 5 -33.05 -7.56 -14.24
C ASP B 5 -32.94 -6.36 -15.17
N LYS B 6 -33.06 -5.16 -14.63
CA LYS B 6 -32.87 -3.97 -15.46
C LYS B 6 -31.41 -3.82 -15.86
N ILE B 7 -30.47 -4.22 -15.00
CA ILE B 7 -29.07 -4.14 -15.38
C ILE B 7 -28.78 -5.13 -16.49
N SER B 8 -29.34 -6.34 -16.39
CA SER B 8 -29.18 -7.31 -17.47
C SER B 8 -29.75 -6.79 -18.77
N LYS B 9 -30.93 -6.18 -18.72
CA LYS B 9 -31.54 -5.64 -19.93
C LYS B 9 -30.63 -4.57 -20.55
N MET B 10 -30.03 -3.73 -19.72
CA MET B 10 -29.12 -2.71 -20.21
C MET B 10 -27.86 -3.33 -20.82
N PHE B 11 -27.32 -4.36 -20.17
CA PHE B 11 -26.18 -5.08 -20.73
C PHE B 11 -26.49 -5.64 -22.11
N TRP B 12 -27.62 -6.33 -22.26
CA TRP B 12 -27.94 -6.95 -23.55
C TRP B 12 -28.31 -5.90 -24.59
N HIS B 13 -28.78 -4.71 -24.18
CA HIS B 13 -28.94 -3.63 -25.14
C HIS B 13 -27.60 -3.28 -25.81
N TYR B 14 -26.56 -3.14 -25.00
CA TYR B 14 -25.26 -2.78 -25.56
C TYR B 14 -24.65 -3.95 -26.32
N LYS B 15 -24.89 -5.17 -25.88
CA LYS B 15 -24.43 -6.31 -26.68
C LYS B 15 -25.13 -6.33 -28.03
N ASP B 16 -26.43 -6.02 -28.06
CA ASP B 16 -27.13 -5.92 -29.33
C ASP B 16 -26.57 -4.80 -30.19
N LYS B 17 -26.15 -3.71 -29.56
CA LYS B 17 -25.60 -2.59 -30.30
C LYS B 17 -24.28 -2.96 -30.97
N ILE B 18 -23.44 -3.74 -30.28
CA ILE B 18 -22.23 -4.30 -30.89
C ILE B 18 -22.58 -5.10 -32.15
N ALA B 19 -23.62 -5.94 -32.07
CA ALA B 19 -24.00 -6.72 -33.25
C ALA B 19 -24.50 -5.82 -34.36
N GLN B 20 -25.25 -4.77 -34.00
CA GLN B 20 -25.74 -3.82 -34.98
C GLN B 20 -24.60 -3.03 -35.63
N ILE B 21 -23.56 -2.71 -34.86
CA ILE B 21 -22.39 -2.03 -35.42
C ILE B 21 -21.73 -2.91 -36.46
N LYS B 22 -21.58 -4.20 -36.16
N LYS B 22 -21.58 -4.20 -36.16
CA LYS B 22 -20.96 -5.11 -37.11
CA LYS B 22 -20.95 -5.10 -37.11
C LYS B 22 -21.80 -5.21 -38.37
C LYS B 22 -21.80 -5.22 -38.38
N GLN B 23 -23.12 -5.30 -38.23
CA GLN B 23 -23.97 -5.49 -39.39
C GLN B 23 -24.07 -4.23 -40.25
N ASP B 24 -24.19 -3.06 -39.62
CA ASP B 24 -24.53 -1.87 -40.36
C ASP B 24 -23.37 -0.92 -40.61
N ILE B 25 -22.23 -1.07 -39.92
CA ILE B 25 -21.08 -0.19 -40.08
C ILE B 25 -19.84 -0.95 -40.56
N VAL B 26 -19.50 -2.06 -39.89
CA VAL B 26 -18.26 -2.74 -40.22
C VAL B 26 -18.40 -3.53 -41.52
N LEU B 27 -19.38 -4.42 -41.61
CA LEU B 27 -19.48 -5.26 -42.81
C LEU B 27 -19.75 -4.46 -44.07
N PRO B 28 -20.63 -3.47 -44.09
CA PRO B 28 -20.87 -2.73 -45.34
C PRO B 28 -19.66 -1.95 -45.85
N ILE B 29 -18.68 -1.63 -45.00
CA ILE B 29 -17.52 -0.87 -45.47
C ILE B 29 -16.69 -1.71 -46.44
N LYS B 30 -16.77 -3.03 -46.33
CA LYS B 30 -16.07 -3.87 -47.28
C LYS B 30 -16.59 -3.66 -48.69
N LYS B 31 -17.81 -3.14 -48.85
CA LYS B 31 -18.40 -2.89 -50.16
C LYS B 31 -18.37 -1.42 -50.57
N ALA B 32 -17.72 -0.54 -49.79
CA ALA B 32 -17.68 0.88 -50.12
C ALA B 32 -16.79 1.10 -51.35
N ASP B 33 -16.89 2.30 -51.93
CA ASP B 33 -16.13 2.52 -53.16
C ASP B 33 -14.65 2.76 -52.84
N VAL B 34 -13.85 2.87 -53.90
CA VAL B 34 -12.41 2.87 -53.71
C VAL B 34 -11.93 4.16 -53.05
N ASN B 35 -12.66 5.28 -53.21
CA ASN B 35 -12.27 6.48 -52.47
C ASN B 35 -12.45 6.31 -50.97
N VAL B 36 -13.57 5.72 -50.57
CA VAL B 36 -13.82 5.53 -49.14
C VAL B 36 -12.82 4.54 -48.57
N ARG B 37 -12.58 3.44 -49.28
CA ARG B 37 -11.67 2.44 -48.73
C ARG B 37 -10.26 2.97 -48.65
N ASN B 38 -9.81 3.71 -49.67
CA ASN B 38 -8.49 4.34 -49.61
C ASN B 38 -8.39 5.30 -48.43
N LEU B 39 -9.38 6.17 -48.26
CA LEU B 39 -9.33 7.17 -47.19
C LEU B 39 -9.26 6.51 -45.82
N LEU B 40 -10.14 5.52 -45.60
CA LEU B 40 -10.17 4.87 -44.31
C LEU B 40 -8.90 4.06 -44.05
N SER B 41 -8.35 3.41 -45.10
CA SER B 41 -7.10 2.69 -44.94
C SER B 41 -5.97 3.62 -44.56
N ARG B 42 -5.87 4.76 -45.23
CA ARG B 42 -4.79 5.70 -44.94
C ARG B 42 -5.01 6.40 -43.61
N HIS B 43 -6.25 6.80 -43.33
CA HIS B 43 -6.51 7.51 -42.08
C HIS B 43 -6.38 6.61 -40.86
N LYS B 44 -6.76 5.34 -40.96
CA LYS B 44 -6.66 4.51 -39.77
C LYS B 44 -5.20 4.31 -39.39
N ARG B 45 -4.32 4.28 -40.39
CA ARG B 45 -2.88 4.19 -40.13
C ARG B 45 -2.35 5.44 -39.45
N LYS B 46 -2.86 6.62 -39.83
CA LYS B 46 -2.44 7.86 -39.19
C LYS B 46 -2.99 7.99 -37.79
N ILE B 47 -4.22 7.49 -37.58
CA ILE B 47 -4.89 7.66 -36.29
C ILE B 47 -4.27 6.76 -35.23
N ASN B 48 -3.88 5.55 -35.61
CA ASN B 48 -3.62 4.50 -34.62
C ASN B 48 -2.58 4.89 -33.59
N PRO B 49 -1.42 5.43 -33.96
CA PRO B 49 -0.39 5.74 -32.96
C PRO B 49 -0.62 7.03 -32.18
N LYS B 50 -1.66 7.80 -32.48
CA LYS B 50 -1.82 9.09 -31.80
C LYS B 50 -2.15 8.93 -30.33
N PHE B 51 -2.84 7.84 -29.98
CA PHE B 51 -3.26 7.69 -28.58
C PHE B 51 -2.06 7.42 -27.69
N GLY B 52 -1.05 6.71 -28.19
CA GLY B 52 0.18 6.54 -27.46
C GLY B 52 1.12 7.72 -27.50
N GLN B 53 0.81 8.75 -28.28
CA GLN B 53 1.63 9.97 -28.30
C GLN B 53 1.20 10.98 -27.26
N LEU B 54 0.08 10.73 -26.57
CA LEU B 54 -0.30 11.56 -25.45
C LEU B 54 0.74 11.48 -24.35
N THR B 55 0.97 12.61 -23.67
CA THR B 55 1.79 12.65 -22.46
C THR B 55 1.02 13.35 -21.35
N ASN B 56 1.70 13.62 -20.23
CA ASN B 56 1.08 14.40 -19.16
C ASN B 56 0.94 15.89 -19.52
N SER B 57 1.35 16.32 -20.72
CA SER B 57 1.34 17.74 -21.13
C SER B 57 0.04 18.12 -21.85
N ASN B 58 -0.60 19.20 -21.38
CA ASN B 58 -1.83 19.69 -22.01
C ASN B 58 -1.57 20.16 -23.43
N GLN B 59 -0.43 20.78 -23.69
CA GLN B 59 -0.14 21.25 -25.04
C GLN B 59 -0.08 20.10 -26.03
N GLN B 60 0.47 18.95 -25.62
CA GLN B 60 0.47 17.77 -26.47
C GLN B 60 -0.94 17.22 -26.66
N LEU B 61 -1.76 17.29 -25.61
CA LEU B 61 -3.14 16.85 -25.74
C LEU B 61 -3.85 17.67 -26.81
N PHE B 62 -3.69 18.99 -26.79
CA PHE B 62 -4.38 19.82 -27.77
C PHE B 62 -3.89 19.52 -29.17
N LYS B 63 -2.59 19.25 -29.33
CA LYS B 63 -2.05 18.91 -30.65
C LYS B 63 -2.70 17.64 -31.18
N ILE B 64 -2.82 16.62 -30.32
N ILE B 64 -2.81 16.62 -30.32
CA ILE B 64 -3.39 15.35 -30.76
CA ILE B 64 -3.39 15.35 -30.74
C ILE B 64 -4.90 15.50 -31.00
C ILE B 64 -4.89 15.51 -31.00
N GLN B 65 -5.59 16.30 -30.17
CA GLN B 65 -7.01 16.58 -30.42
C GLN B 65 -7.20 17.22 -31.78
N ASN B 66 -6.38 18.22 -32.11
CA ASN B 66 -6.50 18.92 -33.39
C ASN B 66 -6.19 17.99 -34.56
N GLU B 67 -5.15 17.16 -34.46
CA GLU B 67 -4.84 16.22 -35.53
C GLU B 67 -5.97 15.22 -35.76
N LEU B 68 -6.54 14.67 -34.68
CA LEU B 68 -7.63 13.71 -34.82
C LEU B 68 -8.90 14.38 -35.34
N THR B 69 -9.18 15.60 -34.89
CA THR B 69 -10.37 16.30 -35.36
C THR B 69 -10.32 16.49 -36.88
N GLN B 70 -9.16 16.87 -37.41
CA GLN B 70 -9.04 17.04 -38.85
C GLN B 70 -9.27 15.72 -39.59
N LEU B 71 -8.64 14.65 -39.13
CA LEU B 71 -8.78 13.35 -39.79
C LEU B 71 -10.22 12.86 -39.76
N ILE B 72 -10.90 13.01 -38.63
CA ILE B 72 -12.29 12.59 -38.56
C ILE B 72 -13.17 13.45 -39.46
N ASN B 73 -12.95 14.76 -39.44
CA ASN B 73 -13.72 15.66 -40.29
C ASN B 73 -13.58 15.29 -41.75
N ASP B 74 -12.44 14.73 -42.14
CA ASP B 74 -12.22 14.34 -43.52
C ASP B 74 -13.19 13.25 -43.97
N THR B 75 -13.81 12.53 -43.04
CA THR B 75 -14.72 11.44 -43.39
C THR B 75 -16.19 11.85 -43.42
N LYS B 76 -16.52 13.08 -43.03
N LYS B 76 -16.52 13.08 -43.03
CA LYS B 76 -17.92 13.43 -42.79
CA LYS B 76 -17.91 13.44 -42.80
C LYS B 76 -18.74 13.49 -44.07
C LYS B 76 -18.74 13.48 -44.07
N GLY B 77 -18.11 13.50 -45.24
CA GLY B 77 -18.86 13.49 -46.49
C GLY B 77 -19.57 12.18 -46.77
N ASP B 78 -19.31 11.15 -45.95
CA ASP B 78 -19.90 9.82 -46.15
C ASP B 78 -20.29 9.29 -44.78
N SER B 79 -21.59 9.20 -44.49
CA SER B 79 -21.99 8.87 -43.12
C SER B 79 -21.42 7.51 -42.69
N LEU B 80 -21.39 6.55 -43.60
CA LEU B 80 -20.87 5.23 -43.26
C LEU B 80 -19.40 5.31 -42.90
N ALA B 81 -18.61 6.05 -43.69
CA ALA B 81 -17.19 6.18 -43.41
C ALA B 81 -16.95 6.87 -42.08
N TYR B 82 -17.73 7.92 -41.80
CA TYR B 82 -17.65 8.65 -40.53
C TYR B 82 -17.95 7.75 -39.34
N HIS B 83 -19.04 6.98 -39.42
CA HIS B 83 -19.34 6.04 -38.35
C HIS B 83 -18.31 4.92 -38.26
N TRP B 84 -17.74 4.49 -39.39
CA TRP B 84 -16.70 3.47 -39.32
C TRP B 84 -15.47 3.99 -38.59
N ILE B 85 -15.02 5.20 -38.90
CA ILE B 85 -13.80 5.69 -38.25
C ILE B 85 -14.05 5.99 -36.78
N LEU B 86 -15.26 6.41 -36.41
CA LEU B 86 -15.57 6.60 -35.01
C LEU B 86 -15.55 5.26 -34.27
N ASN B 87 -16.08 4.21 -34.89
CA ASN B 87 -16.05 2.91 -34.24
C ASN B 87 -14.62 2.42 -34.11
N PHE B 88 -13.80 2.71 -35.12
CA PHE B 88 -12.39 2.34 -35.05
C PHE B 88 -11.71 3.03 -33.86
N ILE B 89 -12.04 4.31 -33.68
CA ILE B 89 -11.46 5.10 -32.60
C ILE B 89 -11.94 4.59 -31.24
N ALA B 90 -13.23 4.26 -31.13
CA ALA B 90 -13.73 3.74 -29.87
C ALA B 90 -13.00 2.47 -29.48
N LYS B 91 -12.78 1.57 -30.44
CA LYS B 91 -12.03 0.35 -30.14
C LYS B 91 -10.58 0.65 -29.77
N ALA B 92 -9.99 1.65 -30.42
CA ALA B 92 -8.59 1.97 -30.18
C ALA B 92 -8.37 2.57 -28.81
N VAL B 93 -9.32 3.39 -28.36
CA VAL B 93 -9.24 4.00 -27.04
C VAL B 93 -9.38 2.93 -25.96
N VAL B 94 -10.34 2.03 -26.13
CA VAL B 94 -10.52 0.99 -25.13
C VAL B 94 -9.31 0.05 -25.13
N HIS B 95 -8.73 -0.23 -26.30
CA HIS B 95 -7.52 -1.04 -26.33
C HIS B 95 -6.38 -0.33 -25.63
N GLN B 96 -6.25 0.99 -25.80
CA GLN B 96 -5.22 1.75 -25.11
C GLN B 96 -5.41 1.67 -23.60
N ALA B 97 -6.66 1.70 -23.15
CA ALA B 97 -6.92 1.58 -21.73
C ALA B 97 -6.57 0.20 -21.21
N GLU B 98 -6.77 -0.84 -22.01
CA GLU B 98 -6.46 -2.16 -21.46
C GLU B 98 -5.00 -2.54 -21.59
N THR B 99 -4.19 -1.69 -22.24
CA THR B 99 -2.75 -1.95 -22.42
C THR B 99 -1.93 -0.87 -21.72
N GLU B 100 -1.94 0.37 -22.18
CA GLU B 100 -1.08 1.38 -21.56
C GLU B 100 -1.60 1.78 -20.19
N VAL B 101 -2.92 2.03 -20.05
CA VAL B 101 -3.44 2.43 -18.75
C VAL B 101 -3.25 1.30 -17.75
N ARG B 102 -3.33 0.06 -18.21
CA ARG B 102 -3.05 -1.09 -17.37
C ARG B 102 -1.68 -0.98 -16.71
N VAL B 103 -0.66 -0.56 -17.47
CA VAL B 103 0.70 -0.54 -16.94
C VAL B 103 1.02 0.81 -16.29
N LYS B 104 0.31 1.87 -16.66
CA LYS B 104 0.58 3.23 -16.21
C LYS B 104 -0.76 3.89 -15.92
N PRO B 105 -1.34 3.66 -14.74
CA PRO B 105 -2.73 4.09 -14.50
C PRO B 105 -2.95 5.57 -14.71
N GLU B 106 -1.94 6.40 -14.42
CA GLU B 106 -2.14 7.84 -14.56
C GLU B 106 -2.29 8.25 -16.02
N SER B 107 -1.90 7.41 -16.98
CA SER B 107 -2.15 7.76 -18.38
C SER B 107 -3.63 7.76 -18.71
N ALA B 108 -4.49 7.32 -17.78
CA ALA B 108 -5.92 7.44 -18.01
C ALA B 108 -6.39 8.90 -18.03
N LEU B 109 -5.63 9.80 -17.40
CA LEU B 109 -6.09 11.18 -17.32
C LEU B 109 -5.99 11.86 -18.67
N PRO B 110 -4.83 11.89 -19.35
CA PRO B 110 -4.82 12.49 -20.69
C PRO B 110 -5.72 11.77 -21.67
N LEU B 111 -5.76 10.43 -21.62
CA LEU B 111 -6.61 9.69 -22.55
C LEU B 111 -8.08 10.01 -22.31
N GLY B 112 -8.46 10.20 -21.04
CA GLY B 112 -9.84 10.56 -20.73
C GLY B 112 -10.19 11.94 -21.24
N LYS B 113 -9.28 12.91 -21.09
CA LYS B 113 -9.54 14.24 -21.62
C LYS B 113 -9.71 14.19 -23.14
N LEU B 114 -8.83 13.45 -23.83
CA LEU B 114 -8.97 13.30 -25.26
C LEU B 114 -10.30 12.68 -25.62
N THR B 115 -10.67 11.58 -24.95
CA THR B 115 -11.89 10.89 -25.29
C THR B 115 -13.11 11.76 -25.04
N LEU B 116 -13.15 12.43 -23.90
CA LEU B 116 -14.28 13.31 -23.60
C LEU B 116 -14.42 14.40 -24.65
N TYR B 117 -13.30 14.97 -25.10
CA TYR B 117 -13.35 15.98 -26.15
C TYR B 117 -13.94 15.39 -27.43
N LEU B 118 -13.48 14.20 -27.82
CA LEU B 118 -14.01 13.59 -29.03
C LEU B 118 -15.47 13.23 -28.87
N LEU B 119 -15.88 12.84 -27.65
CA LEU B 119 -17.26 12.45 -27.43
C LEU B 119 -18.23 13.61 -27.63
N VAL B 120 -17.81 14.87 -27.39
CA VAL B 120 -18.75 15.97 -27.56
C VAL B 120 -18.53 16.65 -28.91
N GLN B 121 -17.32 16.60 -29.45
CA GLN B 121 -17.07 17.12 -30.80
C GLN B 121 -17.78 16.26 -31.84
N PHE B 122 -17.84 14.96 -31.60
CA PHE B 122 -18.39 13.97 -32.53
C PHE B 122 -19.40 13.13 -31.77
N PRO B 123 -20.61 13.65 -31.54
CA PRO B 123 -21.50 13.01 -30.57
C PRO B 123 -21.91 11.61 -30.96
N GLU B 124 -21.86 11.27 -32.26
CA GLU B 124 -22.14 9.89 -32.67
C GLU B 124 -21.21 8.90 -31.99
N LEU B 125 -20.06 9.37 -31.52
CA LEU B 125 -19.12 8.49 -30.82
C LEU B 125 -19.68 7.98 -29.49
N GLN B 126 -20.64 8.68 -28.89
CA GLN B 126 -21.05 8.36 -27.53
C GLN B 126 -21.62 6.95 -27.44
N GLU B 127 -22.57 6.59 -28.29
CA GLU B 127 -23.16 5.26 -28.21
C GLU B 127 -22.18 4.18 -28.64
N LEU B 128 -21.33 4.47 -29.64
CA LEU B 128 -20.32 3.51 -30.07
C LEU B 128 -19.32 3.22 -28.95
N PHE B 129 -18.90 4.26 -28.23
CA PHE B 129 -17.93 4.09 -27.16
C PHE B 129 -18.54 3.37 -25.96
N MET B 130 -19.75 3.75 -25.56
CA MET B 130 -20.35 3.11 -24.39
C MET B 130 -20.59 1.63 -24.64
N ALA B 131 -21.01 1.27 -25.86
CA ALA B 131 -21.24 -0.14 -26.17
C ALA B 131 -19.93 -0.91 -26.09
N ARG B 132 -18.85 -0.30 -26.57
CA ARG B 132 -17.55 -0.97 -26.55
C ARG B 132 -17.06 -1.18 -25.12
N LEU B 133 -17.21 -0.15 -24.27
CA LEU B 133 -16.87 -0.28 -22.86
C LEU B 133 -17.66 -1.41 -22.20
N VAL B 134 -18.99 -1.42 -22.40
CA VAL B 134 -19.82 -2.44 -21.73
C VAL B 134 -19.44 -3.83 -22.23
N LYS B 135 -19.23 -3.98 -23.52
CA LYS B 135 -18.85 -5.28 -24.07
C LYS B 135 -17.55 -5.78 -23.45
N LYS B 136 -16.57 -4.89 -23.30
N LYS B 136 -16.57 -4.89 -23.30
CA LYS B 136 -15.24 -5.30 -22.88
CA LYS B 136 -15.24 -5.30 -22.88
C LYS B 136 -15.06 -5.24 -21.37
C LYS B 136 -15.05 -5.22 -21.37
N CYS B 137 -15.94 -4.54 -20.67
CA CYS B 137 -15.81 -4.33 -19.23
C CYS B 137 -17.19 -4.06 -18.63
N PRO B 138 -18.00 -5.11 -18.43
CA PRO B 138 -19.41 -4.89 -18.03
C PRO B 138 -19.57 -4.25 -16.66
N PHE B 139 -18.50 -4.19 -15.87
CA PHE B 139 -18.50 -3.49 -14.60
C PHE B 139 -18.87 -2.01 -14.74
N VAL B 140 -18.69 -1.43 -15.93
CA VAL B 140 -18.94 0.00 -16.05
C VAL B 140 -20.41 0.34 -15.86
N ILE B 141 -21.32 -0.64 -15.99
CA ILE B 141 -22.72 -0.46 -15.67
C ILE B 141 -23.16 -1.35 -14.53
N GLY B 142 -22.21 -1.99 -13.84
CA GLY B 142 -22.51 -2.84 -12.71
C GLY B 142 -23.08 -4.19 -13.08
N PHE B 143 -22.79 -4.71 -14.27
CA PHE B 143 -23.28 -6.03 -14.67
C PHE B 143 -22.27 -7.09 -14.24
N THR B 144 -22.76 -8.10 -13.51
CA THR B 144 -22.00 -9.29 -13.17
C THR B 144 -22.83 -10.54 -13.42
N CYS B 145 -22.21 -11.54 -14.05
CA CYS B 145 -22.79 -12.87 -14.18
C CYS B 145 -21.74 -13.90 -13.85
N GLU B 146 -22.21 -15.13 -13.64
CA GLU B 146 -21.32 -16.24 -13.34
C GLU B 146 -20.33 -16.43 -14.47
N ILE B 147 -19.16 -16.98 -14.12
CA ILE B 147 -18.12 -17.25 -15.12
C ILE B 147 -17.68 -18.71 -14.98
N ASP B 148 -18.59 -19.56 -14.50
CA ASP B 148 -18.32 -20.99 -14.51
C ASP B 148 -18.42 -21.55 -15.92
N THR B 149 -19.30 -20.99 -16.74
CA THR B 149 -19.54 -21.45 -18.10
C THR B 149 -18.74 -20.60 -19.09
N GLU B 150 -18.55 -21.17 -20.27
CA GLU B 150 -17.84 -20.45 -21.33
C GLU B 150 -18.59 -19.19 -21.74
N LYS B 151 -19.92 -19.29 -21.85
CA LYS B 151 -20.71 -18.12 -22.24
C LYS B 151 -20.65 -17.04 -21.17
N GLY B 152 -20.68 -17.42 -19.91
CA GLY B 152 -20.52 -16.43 -18.85
C GLY B 152 -19.16 -15.75 -18.92
N ARG B 153 -18.11 -16.53 -19.20
CA ARG B 153 -16.79 -15.94 -19.36
C ARG B 153 -16.78 -14.92 -20.49
N GLN B 154 -17.34 -15.30 -21.64
CA GLN B 154 -17.45 -14.38 -22.78
C GLN B 154 -18.26 -13.15 -22.42
N ASN B 155 -19.40 -13.34 -21.75
CA ASN B 155 -20.22 -12.20 -21.32
C ASN B 155 -19.42 -11.21 -20.48
N MET B 156 -18.55 -11.70 -19.60
CA MET B 156 -17.84 -10.84 -18.67
C MET B 156 -16.53 -10.29 -19.27
N GLY B 157 -16.31 -10.47 -20.57
CA GLY B 157 -15.17 -9.84 -21.22
C GLY B 157 -13.88 -10.60 -21.16
N TRP B 158 -13.91 -11.86 -20.74
CA TRP B 158 -12.70 -12.67 -20.70
C TRP B 158 -12.13 -12.92 -22.09
N LYS B 159 -10.80 -13.06 -22.16
CA LYS B 159 -10.08 -13.32 -23.40
C LYS B 159 -9.30 -14.61 -23.27
N ARG B 160 -9.00 -15.21 -24.41
CA ARG B 160 -8.16 -16.40 -24.46
C ARG B 160 -6.74 -16.02 -24.91
N ASN B 161 -5.79 -16.87 -24.53
CA ASN B 161 -4.39 -16.69 -24.88
C ASN B 161 -4.09 -17.44 -26.17
N ASN B 162 -2.81 -17.74 -26.42
CA ASN B 162 -2.39 -18.35 -27.67
C ASN B 162 -2.56 -19.87 -27.69
N GLU B 163 -3.50 -20.40 -26.92
CA GLU B 163 -3.76 -21.84 -26.96
C GLU B 163 -5.15 -22.15 -26.42
N ASN B 164 -6.11 -21.28 -26.70
CA ASN B 164 -7.51 -21.47 -26.35
C ASN B 164 -7.72 -21.64 -24.85
N LYS B 165 -6.73 -21.30 -24.04
CA LYS B 165 -6.90 -21.25 -22.59
C LYS B 165 -7.22 -19.81 -22.19
N TRP B 166 -8.10 -19.66 -21.20
CA TRP B 166 -8.43 -18.33 -20.71
C TRP B 166 -7.17 -17.64 -20.20
N GLU B 167 -7.08 -16.33 -20.40
CA GLU B 167 -6.01 -15.55 -19.78
C GLU B 167 -6.03 -15.80 -18.28
N ASP B 168 -4.86 -15.68 -17.65
CA ASP B 168 -4.85 -15.89 -16.20
C ASP B 168 -5.57 -14.74 -15.49
N ASN B 169 -6.02 -15.03 -14.27
CA ASN B 169 -6.83 -14.09 -13.52
C ASN B 169 -6.18 -12.72 -13.45
N THR B 170 -4.87 -12.68 -13.27
CA THR B 170 -4.17 -11.41 -13.13
C THR B 170 -4.33 -10.56 -14.40
N SER B 171 -4.15 -11.19 -15.55
CA SER B 171 -4.26 -10.47 -16.82
C SER B 171 -5.66 -9.86 -16.97
N TYR B 172 -6.69 -10.65 -16.72
CA TYR B 172 -8.07 -10.16 -16.80
C TYR B 172 -8.30 -9.02 -15.80
N ASP B 173 -7.90 -9.22 -14.54
CA ASP B 173 -8.11 -8.20 -13.53
C ASP B 173 -7.46 -6.88 -13.94
N GLU B 174 -6.23 -6.94 -14.45
CA GLU B 174 -5.51 -5.74 -14.80
C GLU B 174 -6.12 -5.05 -16.03
N ARG B 175 -6.60 -5.84 -16.99
CA ARG B 175 -7.31 -5.24 -18.13
C ARG B 175 -8.56 -4.55 -17.66
N MET B 176 -9.32 -5.18 -16.75
CA MET B 176 -10.57 -4.58 -16.31
C MET B 176 -10.31 -3.28 -15.55
N GLY B 177 -9.28 -3.26 -14.72
CA GLY B 177 -8.97 -2.04 -14.00
C GLY B 177 -8.54 -0.91 -14.93
N GLY B 178 -7.81 -1.24 -15.99
CA GLY B 178 -7.41 -0.23 -16.95
C GLY B 178 -8.59 0.39 -17.69
N ILE B 179 -9.49 -0.46 -18.19
CA ILE B 179 -10.65 0.04 -18.91
C ILE B 179 -11.53 0.86 -17.98
N LEU B 180 -11.82 0.32 -16.80
CA LEU B 180 -12.72 1.03 -15.91
C LEU B 180 -12.11 2.34 -15.43
N SER B 181 -10.78 2.38 -15.27
CA SER B 181 -10.04 3.59 -14.92
C SER B 181 -10.34 4.73 -15.88
N LEU B 182 -10.27 4.42 -17.18
CA LEU B 182 -10.57 5.43 -18.18
C LEU B 182 -11.99 5.96 -18.04
N PHE B 183 -12.96 5.07 -17.91
CA PHE B 183 -14.34 5.52 -17.75
C PHE B 183 -14.49 6.36 -16.49
N ALA B 184 -13.86 5.92 -15.39
CA ALA B 184 -13.88 6.67 -14.14
C ALA B 184 -13.38 8.09 -14.33
N ILE B 185 -12.22 8.26 -14.97
CA ILE B 185 -11.71 9.60 -15.27
C ILE B 185 -12.77 10.42 -15.99
N ILE B 186 -13.33 9.85 -17.06
CA ILE B 186 -14.29 10.60 -17.88
C ILE B 186 -15.45 11.09 -17.02
N THR B 187 -15.97 10.23 -16.13
CA THR B 187 -17.11 10.65 -15.31
C THR B 187 -16.78 11.80 -14.37
N ARG B 188 -15.50 12.01 -14.03
CA ARG B 188 -15.19 13.06 -13.06
C ARG B 188 -14.51 14.27 -13.69
N LEU B 189 -14.28 14.25 -15.00
CA LEU B 189 -13.74 15.40 -15.70
C LEU B 189 -14.84 16.41 -16.00
N GLN B 190 -14.49 17.68 -15.86
CA GLN B 190 -15.25 18.79 -16.43
C GLN B 190 -15.04 18.79 -17.93
N LEU B 191 -16.08 19.16 -18.68
CA LEU B 191 -15.95 19.32 -20.12
C LEU B 191 -14.86 20.33 -20.47
N PRO B 192 -14.24 20.19 -21.63
CA PRO B 192 -13.29 21.20 -22.08
C PRO B 192 -14.02 22.51 -22.32
N GLN B 193 -13.26 23.61 -22.28
CA GLN B 193 -13.89 24.93 -22.21
C GLN B 193 -14.72 25.23 -23.46
N GLU B 194 -14.33 24.66 -24.60
CA GLU B 194 -15.06 24.91 -25.85
C GLU B 194 -16.50 24.40 -25.77
N PHE B 195 -16.74 23.41 -24.91
CA PHE B 195 -18.07 22.81 -24.76
C PHE B 195 -18.72 23.01 -23.39
N ILE B 196 -17.95 23.35 -22.37
CA ILE B 196 -18.51 23.45 -21.02
C ILE B 196 -19.58 24.51 -20.92
N THR B 197 -19.56 25.49 -21.83
CA THR B 197 -20.51 26.60 -21.76
C THR B 197 -21.80 26.32 -22.51
N THR B 198 -21.87 25.22 -23.25
CA THR B 198 -23.00 24.94 -24.13
C THR B 198 -23.60 23.56 -24.01
N THR B 199 -22.94 22.61 -23.39
CA THR B 199 -23.19 21.19 -23.60
C THR B 199 -23.29 20.46 -22.27
N SER B 200 -24.19 19.49 -22.21
CA SER B 200 -24.32 18.62 -21.05
C SER B 200 -23.24 17.55 -21.12
N HIS B 201 -22.63 17.24 -19.98
CA HIS B 201 -21.61 16.19 -19.99
C HIS B 201 -22.25 14.85 -20.36
N PRO B 202 -21.74 14.13 -21.37
CA PRO B 202 -22.44 12.92 -21.81
C PRO B 202 -22.33 11.72 -20.87
N PHE B 203 -21.36 11.70 -19.97
CA PHE B 203 -21.14 10.56 -19.08
C PHE B 203 -20.77 11.10 -17.70
N PRO B 204 -21.73 11.66 -16.97
CA PRO B 204 -21.41 12.47 -15.79
C PRO B 204 -21.15 11.65 -14.52
N ILE B 205 -20.87 12.35 -13.42
CA ILE B 205 -20.39 11.68 -12.22
C ILE B 205 -21.41 10.74 -11.61
N ALA B 206 -22.71 10.94 -11.89
CA ALA B 206 -23.72 9.98 -11.42
C ALA B 206 -23.42 8.56 -11.87
N LEU B 207 -22.76 8.40 -13.03
CA LEU B 207 -22.47 7.06 -13.50
C LEU B 207 -21.46 6.37 -12.61
N SER B 208 -20.60 7.15 -11.93
CA SER B 208 -19.70 6.56 -10.94
C SER B 208 -20.49 6.10 -9.71
N TRP B 209 -21.49 6.88 -9.30
CA TRP B 209 -22.34 6.41 -8.20
C TRP B 209 -22.96 5.06 -8.54
N HIS B 210 -23.45 4.89 -9.78
CA HIS B 210 -24.09 3.64 -10.16
C HIS B 210 -23.13 2.46 -10.04
N ILE B 211 -21.89 2.64 -10.48
CA ILE B 211 -20.92 1.55 -10.41
C ILE B 211 -20.75 1.09 -8.97
N LEU B 212 -20.49 2.03 -8.06
CA LEU B 212 -20.24 1.66 -6.68
C LEU B 212 -21.47 1.05 -6.04
N ALA B 213 -22.63 1.69 -6.23
CA ALA B 213 -23.84 1.19 -5.63
C ALA B 213 -24.16 -0.22 -6.12
N ARG B 214 -23.98 -0.47 -7.41
CA ARG B 214 -24.39 -1.76 -7.98
C ARG B 214 -23.46 -2.88 -7.52
N ILE B 215 -22.17 -2.61 -7.41
CA ILE B 215 -21.27 -3.62 -6.88
C ILE B 215 -21.61 -3.91 -5.43
N CYS B 216 -21.91 -2.86 -4.64
CA CYS B 216 -22.30 -3.09 -3.25
C CYS B 216 -23.62 -3.84 -3.12
N ASN B 217 -24.46 -3.81 -4.16
CA ASN B 217 -25.72 -4.52 -4.18
C ASN B 217 -25.66 -5.86 -4.89
N THR B 218 -24.49 -6.23 -5.41
CA THR B 218 -24.36 -7.48 -6.13
C THR B 218 -24.37 -8.64 -5.15
N PRO B 219 -25.05 -9.74 -5.46
CA PRO B 219 -25.00 -10.93 -4.58
C PRO B 219 -23.55 -11.32 -4.30
N LEU B 220 -23.26 -11.64 -3.04
CA LEU B 220 -21.87 -11.83 -2.65
C LEU B 220 -21.24 -13.06 -3.28
N ASN B 221 -22.04 -14.04 -3.68
CA ASN B 221 -21.55 -15.23 -4.36
C ASN B 221 -21.03 -14.92 -5.77
N LEU B 222 -21.31 -13.74 -6.31
CA LEU B 222 -20.79 -13.33 -7.62
C LEU B 222 -19.62 -12.37 -7.53
N ILE B 223 -19.25 -11.93 -6.32
CA ILE B 223 -18.14 -11.02 -6.16
C ILE B 223 -16.84 -11.79 -6.30
N THR B 224 -15.88 -11.21 -6.99
CA THR B 224 -14.57 -11.80 -7.22
C THR B 224 -13.51 -10.73 -6.98
N ASN B 225 -12.25 -11.14 -7.09
CA ASN B 225 -11.16 -10.17 -6.96
C ASN B 225 -11.34 -9.03 -7.93
N THR B 226 -11.94 -9.30 -9.09
CA THR B 226 -12.06 -8.26 -10.10
C THR B 226 -12.85 -7.07 -9.59
N HIS B 227 -13.91 -7.32 -8.81
CA HIS B 227 -14.71 -6.19 -8.33
C HIS B 227 -13.88 -5.29 -7.42
N PHE B 228 -13.00 -5.87 -6.62
CA PHE B 228 -12.17 -5.05 -5.74
C PHE B 228 -11.11 -4.30 -6.54
N VAL B 229 -10.55 -4.95 -7.57
CA VAL B 229 -9.54 -4.31 -8.41
C VAL B 229 -10.13 -3.09 -9.11
N ILE B 230 -11.31 -3.24 -9.71
CA ILE B 230 -11.83 -2.11 -10.47
C ILE B 230 -12.25 -0.99 -9.52
N LEU B 231 -12.66 -1.35 -8.30
CA LEU B 231 -12.99 -0.33 -7.32
C LEU B 231 -11.74 0.43 -6.88
N GLY B 232 -10.62 -0.28 -6.75
CA GLY B 232 -9.35 0.40 -6.46
C GLY B 232 -8.89 1.26 -7.61
N SER B 233 -9.05 0.77 -8.84
CA SER B 233 -8.69 1.58 -10.00
C SER B 233 -9.60 2.80 -10.10
N TRP B 234 -10.89 2.61 -9.84
CA TRP B 234 -11.83 3.72 -9.80
C TRP B 234 -11.42 4.75 -8.75
N TRP B 235 -11.10 4.29 -7.54
CA TRP B 235 -10.72 5.18 -6.46
C TRP B 235 -9.55 6.07 -6.84
N ASP B 236 -8.50 5.47 -7.40
CA ASP B 236 -7.33 6.24 -7.77
C ASP B 236 -7.66 7.30 -8.82
N ALA B 237 -8.69 7.07 -9.61
CA ALA B 237 -9.04 7.95 -10.71
C ALA B 237 -10.07 8.99 -10.34
N ALA B 238 -10.88 8.73 -9.30
CA ALA B 238 -12.09 9.54 -9.12
C ALA B 238 -12.54 9.77 -7.69
N ALA B 239 -11.95 9.14 -6.67
CA ALA B 239 -12.54 9.27 -5.33
C ALA B 239 -12.57 10.73 -4.85
N VAL B 240 -11.52 11.51 -5.16
CA VAL B 240 -11.49 12.89 -4.66
C VAL B 240 -12.69 13.67 -5.21
N GLN B 241 -12.96 13.51 -6.50
CA GLN B 241 -14.03 14.28 -7.12
C GLN B 241 -15.39 13.73 -6.75
N PHE B 242 -15.47 12.43 -6.48
CA PHE B 242 -16.69 11.81 -6.00
C PHE B 242 -17.13 12.41 -4.66
N LEU B 243 -16.17 12.65 -3.76
CA LEU B 243 -16.48 13.33 -2.49
C LEU B 243 -16.89 14.78 -2.72
N GLN B 244 -16.26 15.45 -3.68
CA GLN B 244 -16.66 16.82 -3.95
C GLN B 244 -18.08 16.89 -4.47
N ALA B 245 -18.52 15.84 -5.17
CA ALA B 245 -19.85 15.83 -5.75
C ALA B 245 -20.91 15.51 -4.71
N TYR B 246 -20.70 14.48 -3.89
CA TYR B 246 -21.76 13.92 -3.05
C TYR B 246 -21.44 13.95 -1.55
N GLY B 247 -20.31 14.54 -1.15
CA GLY B 247 -20.08 14.85 0.25
C GLY B 247 -20.24 13.68 1.20
N ASN B 248 -21.02 13.88 2.26
CA ASN B 248 -21.15 12.85 3.29
C ASN B 248 -21.77 11.58 2.73
N GLN B 249 -22.57 11.69 1.66
CA GLN B 249 -23.14 10.50 1.04
C GLN B 249 -22.09 9.72 0.28
N ALA B 250 -21.18 10.42 -0.40
CA ALA B 250 -20.01 9.73 -0.95
C ALA B 250 -19.17 9.09 0.14
N SER B 251 -18.98 9.80 1.26
CA SER B 251 -18.18 9.24 2.35
C SER B 251 -18.77 7.93 2.84
N LYS B 252 -20.11 7.88 2.98
CA LYS B 252 -20.76 6.67 3.42
C LYS B 252 -20.53 5.52 2.47
N LEU B 253 -20.56 5.80 1.16
CA LEU B 253 -20.38 4.76 0.17
C LEU B 253 -18.93 4.30 0.10
N LEU B 254 -17.97 5.22 0.26
CA LEU B 254 -16.57 4.81 0.27
C LEU B 254 -16.24 3.95 1.48
N ILE B 255 -16.86 4.28 2.63
CA ILE B 255 -16.71 3.45 3.82
C ILE B 255 -17.30 2.08 3.59
N LEU B 256 -18.45 2.02 2.91
CA LEU B 256 -19.09 0.73 2.66
C LEU B 256 -18.19 -0.16 1.82
N ILE B 257 -17.61 0.37 0.74
CA ILE B 257 -16.74 -0.46 -0.08
C ILE B 257 -15.45 -0.78 0.66
N GLY B 258 -14.86 0.22 1.31
CA GLY B 258 -13.54 0.02 1.90
C GLY B 258 -13.55 -0.85 3.14
N GLU B 259 -14.60 -0.76 3.96
CA GLU B 259 -14.65 -1.47 5.23
C GLU B 259 -15.56 -2.69 5.18
N GLU B 260 -16.79 -2.54 4.71
CA GLU B 260 -17.80 -3.58 4.78
C GLU B 260 -17.70 -4.59 3.64
N LEU B 261 -17.57 -4.11 2.39
CA LEU B 261 -17.46 -5.06 1.28
C LEU B 261 -16.20 -5.91 1.42
N THR B 262 -15.08 -5.30 1.83
CA THR B 262 -13.85 -6.05 2.02
C THR B 262 -13.98 -7.04 3.17
N SER B 263 -14.60 -6.63 4.27
CA SER B 263 -14.71 -7.49 5.45
C SER B 263 -15.55 -8.73 5.15
N ARG B 264 -16.66 -8.54 4.44
CA ARG B 264 -17.57 -9.64 4.14
C ARG B 264 -16.93 -10.68 3.23
N MET B 265 -15.89 -10.29 2.48
CA MET B 265 -15.18 -11.21 1.58
C MET B 265 -13.81 -11.62 2.12
N ALA B 266 -13.57 -11.41 3.41
CA ALA B 266 -12.20 -11.51 3.92
C ALA B 266 -11.61 -12.90 3.77
N GLU B 267 -12.44 -13.95 3.88
CA GLU B 267 -11.91 -15.30 3.79
C GLU B 267 -11.33 -15.61 2.41
N LYS B 268 -11.72 -14.85 1.38
CA LYS B 268 -11.20 -15.09 0.03
C LYS B 268 -9.77 -14.59 -0.13
N LYS B 269 -9.32 -13.70 0.76
CA LYS B 269 -7.97 -13.16 0.71
C LYS B 269 -7.66 -12.56 -0.66
N TYR B 270 -8.59 -11.75 -1.15
CA TYR B 270 -8.44 -11.13 -2.46
C TYR B 270 -7.40 -10.01 -2.38
N VAL B 271 -6.46 -10.01 -3.34
CA VAL B 271 -5.38 -9.02 -3.35
C VAL B 271 -5.94 -7.61 -3.55
N GLY B 272 -6.99 -7.47 -4.37
CA GLY B 272 -7.59 -6.17 -4.59
C GLY B 272 -8.34 -5.65 -3.38
N ALA B 273 -8.87 -6.55 -2.56
CA ALA B 273 -9.52 -6.11 -1.33
C ALA B 273 -8.49 -5.51 -0.38
N ALA B 274 -7.32 -6.13 -0.32
CA ALA B 274 -6.25 -5.62 0.53
C ALA B 274 -5.85 -4.21 0.10
N ARG B 275 -5.74 -3.95 -1.20
CA ARG B 275 -5.35 -2.62 -1.62
C ARG B 275 -6.46 -1.61 -1.38
N LEU B 276 -7.72 -2.00 -1.56
CA LEU B 276 -8.83 -1.10 -1.25
C LEU B 276 -8.82 -0.70 0.21
N ARG B 277 -8.48 -1.63 1.12
CA ARG B 277 -8.37 -1.30 2.54
C ARG B 277 -7.25 -0.29 2.77
N ILE B 278 -6.16 -0.42 2.01
CA ILE B 278 -5.06 0.53 2.15
C ILE B 278 -5.49 1.91 1.67
N LEU B 279 -6.29 1.96 0.60
CA LEU B 279 -6.78 3.26 0.13
C LEU B 279 -7.69 3.89 1.16
N LEU B 280 -8.55 3.08 1.78
CA LEU B 280 -9.45 3.59 2.80
C LEU B 280 -8.66 4.18 3.94
N GLU B 281 -7.65 3.45 4.41
CA GLU B 281 -6.84 3.91 5.54
C GLU B 281 -6.07 5.18 5.20
N ALA B 282 -5.61 5.32 3.95
CA ALA B 282 -4.90 6.52 3.56
C ALA B 282 -5.82 7.74 3.60
N TRP B 283 -7.06 7.56 3.14
CA TRP B 283 -8.05 8.63 3.21
C TRP B 283 -8.34 9.00 4.64
N GLN B 284 -8.52 8.00 5.51
CA GLN B 284 -8.78 8.27 6.92
C GLN B 284 -7.63 8.99 7.61
N ASN B 285 -6.42 8.87 7.08
CA ASN B 285 -5.26 9.61 7.56
C ASN B 285 -5.06 10.93 6.82
N ASN B 286 -6.10 11.43 6.13
CA ASN B 286 -6.05 12.70 5.42
C ASN B 286 -5.03 12.70 4.29
N ASN B 287 -4.84 11.54 3.66
N ASN B 287 -4.81 11.55 3.67
CA ASN B 287 -3.85 11.37 2.61
CA ASN B 287 -3.84 11.42 2.58
C ASN B 287 -4.47 10.74 1.37
C ASN B 287 -4.47 10.73 1.38
N MET B 288 -5.73 11.06 1.08
CA MET B 288 -6.33 10.60 -0.17
C MET B 288 -5.63 11.29 -1.33
N GLU B 289 -5.19 10.51 -2.31
CA GLU B 289 -4.49 11.01 -3.47
C GLU B 289 -5.36 10.97 -4.71
N SER B 290 -5.03 11.85 -5.64
CA SER B 290 -5.51 11.84 -7.02
C SER B 290 -4.29 11.79 -7.91
N PHE B 291 -4.50 11.48 -9.19
CA PHE B 291 -3.39 11.57 -10.13
C PHE B 291 -2.93 13.02 -10.20
N PRO B 292 -1.62 13.27 -10.26
CA PRO B 292 -1.15 14.63 -10.52
C PRO B 292 -1.84 15.23 -11.73
N GLU B 293 -2.29 16.47 -11.57
CA GLU B 293 -2.90 17.20 -12.67
C GLU B 293 -1.89 17.33 -13.82
N MET B 294 -2.42 17.47 -15.04
CA MET B 294 -1.54 17.50 -16.18
C MET B 294 -0.66 18.73 -16.15
N SER B 295 0.53 18.59 -16.72
CA SER B 295 1.48 19.69 -16.82
C SER B 295 1.17 20.51 -18.06
N PRO B 296 1.81 21.68 -18.19
CA PRO B 296 1.52 22.56 -19.32
C PRO B 296 1.72 21.88 -20.67
N GLY C 1 -37.77 16.04 -9.00
CA GLY C 1 -38.28 15.09 -9.96
C GLY C 1 -39.44 15.67 -10.75
N PRO C 2 -40.41 14.84 -11.13
CA PRO C 2 -41.55 15.33 -11.94
C PRO C 2 -42.31 16.50 -11.32
N SER C 3 -42.27 16.68 -10.00
CA SER C 3 -42.95 17.79 -9.35
C SER C 3 -42.07 19.02 -9.20
N GLY C 4 -40.78 18.94 -9.55
CA GLY C 4 -39.87 20.06 -9.43
C GLY C 4 -38.99 20.03 -8.19
N SER C 5 -39.23 19.09 -7.28
CA SER C 5 -38.44 18.95 -6.05
C SER C 5 -37.99 17.50 -5.95
N GLU C 6 -36.69 17.26 -6.10
CA GLU C 6 -36.18 15.90 -5.99
C GLU C 6 -36.43 15.34 -4.59
N LEU C 7 -36.49 16.22 -3.59
CA LEU C 7 -36.71 15.75 -2.22
C LEU C 7 -38.12 15.22 -2.01
N ALA C 8 -39.13 15.94 -2.52
CA ALA C 8 -40.51 15.52 -2.33
C ALA C 8 -40.84 14.25 -3.11
N ASP C 9 -40.20 14.04 -4.25
CA ASP C 9 -40.48 12.88 -5.09
C ASP C 9 -39.71 11.64 -4.67
N LEU C 10 -38.77 11.76 -3.74
CA LEU C 10 -38.02 10.62 -3.26
C LEU C 10 -38.88 9.77 -2.32
N ALA C 11 -38.87 8.46 -2.54
CA ALA C 11 -39.58 7.53 -1.68
C ALA C 11 -39.11 7.67 -0.24
N GLU C 12 -40.04 7.45 0.71
CA GLU C 12 -39.70 7.62 2.12
C GLU C 12 -38.57 6.69 2.54
N GLU C 13 -38.54 5.47 2.03
CA GLU C 13 -37.51 4.52 2.45
C GLU C 13 -36.14 4.96 1.95
N THR C 14 -36.08 5.49 0.73
CA THR C 14 -34.82 5.98 0.21
C THR C 14 -34.34 7.20 0.98
N LEU C 15 -35.27 8.09 1.33
CA LEU C 15 -34.94 9.26 2.13
C LEU C 15 -34.32 8.85 3.46
N LYS C 16 -34.93 7.85 4.12
CA LYS C 16 -34.41 7.38 5.40
C LYS C 16 -33.00 6.85 5.26
N ILE C 17 -32.71 6.14 4.16
CA ILE C 17 -31.38 5.57 3.95
C ILE C 17 -30.34 6.68 3.73
N PHE C 18 -30.69 7.72 2.99
CA PHE C 18 -29.78 8.85 2.84
C PHE C 18 -29.57 9.61 4.15
N ARG C 19 -30.60 9.73 4.98
N ARG C 19 -30.61 9.73 4.97
CA ARG C 19 -30.45 10.42 6.26
CA ARG C 19 -30.47 10.40 6.26
C ARG C 19 -29.69 9.59 7.29
C ARG C 19 -29.64 9.60 7.25
N ALA C 20 -29.52 8.29 7.06
CA ALA C 20 -28.82 7.44 8.02
C ALA C 20 -27.33 7.72 8.00
N ASN C 21 -26.64 7.24 9.02
CA ASN C 21 -25.20 7.43 9.15
C ASN C 21 -24.40 6.44 8.33
N LYS C 22 -25.03 5.39 7.79
N LYS C 22 -25.03 5.40 7.79
CA LYS C 22 -24.31 4.39 7.02
CA LYS C 22 -24.33 4.40 7.01
C LYS C 22 -25.26 3.76 6.01
C LYS C 22 -25.27 3.82 5.97
N PHE C 23 -24.67 3.29 4.90
CA PHE C 23 -25.37 2.43 3.95
C PHE C 23 -25.17 0.97 4.35
N GLU C 24 -25.91 0.07 3.71
CA GLU C 24 -25.75 -1.36 3.92
C GLU C 24 -25.65 -2.06 2.57
N LEU C 25 -24.86 -3.13 2.52
CA LEU C 25 -24.74 -3.91 1.30
C LEU C 25 -26.12 -4.42 0.91
N GLY C 26 -26.42 -4.34 -0.39
CA GLY C 26 -27.69 -4.76 -0.91
C GLY C 26 -28.75 -3.70 -0.89
N LEU C 27 -28.50 -2.57 -0.23
CA LEU C 27 -29.50 -1.54 0.02
C LEU C 27 -28.99 -0.15 -0.31
N VAL C 28 -27.91 -0.04 -1.10
CA VAL C 28 -27.42 1.27 -1.52
C VAL C 28 -28.37 1.82 -2.57
N PRO C 29 -28.87 3.05 -2.43
CA PRO C 29 -29.74 3.60 -3.49
C PRO C 29 -29.00 3.60 -4.82
N ASP C 30 -29.66 3.09 -5.85
CA ASP C 30 -28.99 2.96 -7.14
C ASP C 30 -28.70 4.32 -7.75
N ILE C 31 -29.59 5.30 -7.54
CA ILE C 31 -29.44 6.66 -8.06
C ILE C 31 -28.77 7.55 -7.02
N PRO C 32 -27.84 8.42 -7.38
CA PRO C 32 -27.18 9.26 -6.37
C PRO C 32 -28.14 10.22 -5.69
N PRO C 33 -27.78 10.71 -4.52
CA PRO C 33 -28.62 11.65 -3.79
C PRO C 33 -28.78 12.97 -4.51
N PRO C 34 -29.90 13.65 -4.34
CA PRO C 34 -30.03 14.99 -4.86
C PRO C 34 -29.28 15.94 -3.97
N PRO C 35 -29.01 17.16 -4.45
CA PRO C 35 -28.18 18.09 -3.67
C PRO C 35 -28.71 18.35 -2.29
N ALA C 36 -30.04 18.35 -2.08
CA ALA C 36 -30.59 18.64 -0.77
C ALA C 36 -30.12 17.66 0.31
N LEU C 37 -29.71 16.46 -0.07
CA LEU C 37 -29.27 15.45 0.90
C LEU C 37 -27.75 15.36 1.02
N VAL C 38 -27.01 16.22 0.34
CA VAL C 38 -25.55 16.24 0.41
C VAL C 38 -25.12 17.28 1.43
N ALA C 39 -24.46 16.80 2.49
CA ALA C 39 -23.84 17.67 3.48
C ALA C 39 -22.40 17.22 3.73
N ASP D 9 29.84 1.15 37.27
CA ASP D 9 28.53 1.81 37.31
C ASP D 9 27.43 0.81 37.68
N LEU D 10 27.71 -0.49 37.49
CA LEU D 10 26.71 -1.50 37.83
C LEU D 10 26.60 -1.63 39.35
N ALA D 11 25.38 -1.47 39.85
CA ALA D 11 25.14 -1.64 41.26
C ALA D 11 25.50 -3.06 41.70
N GLU D 12 25.88 -3.19 42.98
CA GLU D 12 26.13 -4.51 43.53
C GLU D 12 24.91 -5.41 43.40
N GLU D 13 23.70 -4.85 43.53
CA GLU D 13 22.50 -5.66 43.41
C GLU D 13 22.34 -6.21 42.00
N THR D 14 22.74 -5.44 41.00
CA THR D 14 22.70 -5.93 39.63
C THR D 14 23.74 -7.01 39.40
N LEU D 15 24.94 -6.83 39.94
CA LEU D 15 25.97 -7.87 39.83
C LEU D 15 25.48 -9.15 40.46
N LYS D 16 24.82 -9.05 41.61
CA LYS D 16 24.28 -10.25 42.27
C LYS D 16 23.26 -10.93 41.38
N ILE D 17 22.41 -10.15 40.71
CA ILE D 17 21.40 -10.72 39.84
C ILE D 17 22.03 -11.42 38.65
N PHE D 18 23.09 -10.84 38.08
CA PHE D 18 23.77 -11.52 36.99
C PHE D 18 24.50 -12.76 37.47
N ARG D 19 24.99 -12.77 38.72
CA ARG D 19 25.61 -13.99 39.26
C ARG D 19 24.60 -15.10 39.55
N ALA D 20 23.33 -14.78 39.73
CA ALA D 20 22.36 -15.79 40.15
C ALA D 20 22.10 -16.78 39.02
N ASN D 21 21.49 -17.91 39.38
CA ASN D 21 21.12 -18.87 38.34
C ASN D 21 19.78 -18.54 37.68
N LYS D 22 19.15 -17.42 38.04
CA LYS D 22 17.89 -17.08 37.42
C LYS D 22 17.66 -15.58 37.53
N PHE D 23 16.81 -15.08 36.64
CA PHE D 23 16.20 -13.76 36.76
C PHE D 23 14.80 -13.92 37.36
N GLU D 24 14.20 -12.79 37.69
CA GLU D 24 12.83 -12.74 38.18
C GLU D 24 12.05 -11.64 37.46
N LEU D 25 10.76 -11.89 37.24
CA LEU D 25 9.89 -10.89 36.63
C LEU D 25 9.93 -9.62 37.46
N GLY D 26 10.04 -8.48 36.77
CA GLY D 26 10.11 -7.18 37.42
C GLY D 26 11.50 -6.75 37.81
N LEU D 27 12.50 -7.64 37.70
CA LEU D 27 13.84 -7.40 38.19
C LEU D 27 14.91 -7.76 37.18
N VAL D 28 14.55 -7.91 35.91
CA VAL D 28 15.57 -8.18 34.88
C VAL D 28 16.38 -6.91 34.65
N PRO D 29 17.72 -6.95 34.64
CA PRO D 29 18.48 -5.76 34.27
C PRO D 29 18.08 -5.27 32.87
N ASP D 30 17.78 -3.97 32.76
CA ASP D 30 17.33 -3.42 31.49
C ASP D 30 18.44 -3.46 30.46
N ILE D 31 19.68 -3.24 30.90
CA ILE D 31 20.87 -3.18 30.06
C ILE D 31 21.54 -4.54 30.02
N PRO D 32 21.93 -5.05 28.85
CA PRO D 32 22.52 -6.38 28.80
C PRO D 32 23.85 -6.43 29.53
N PRO D 33 24.27 -7.63 29.93
CA PRO D 33 25.55 -7.78 30.62
C PRO D 33 26.71 -7.53 29.69
N PRO D 34 27.82 -6.99 30.19
CA PRO D 34 29.05 -6.94 29.40
C PRO D 34 29.67 -8.32 29.33
N PRO D 35 30.64 -8.54 28.43
CA PRO D 35 31.21 -9.89 28.29
C PRO D 35 31.77 -10.46 29.58
N ALA D 36 32.29 -9.60 30.48
CA ALA D 36 32.91 -10.12 31.69
C ALA D 36 31.92 -10.88 32.55
N LEU D 37 30.62 -10.61 32.42
CA LEU D 37 29.61 -11.25 33.25
C LEU D 37 28.95 -12.44 32.57
N VAL D 38 29.35 -12.78 31.36
CA VAL D 38 28.85 -13.94 30.64
C VAL D 38 29.83 -15.08 30.86
N ALA D 39 29.33 -16.22 31.32
CA ALA D 39 30.19 -17.34 31.69
C ALA D 39 30.98 -17.85 30.49
C1 EDO E . -31.55 0.12 -13.10
O1 EDO E . -32.60 1.06 -12.89
C2 EDO E . -30.92 -0.27 -11.77
O2 EDO E . -31.92 -0.63 -10.82
H11 EDO E . -31.94 -0.77 -13.60
H12 EDO E . -30.78 0.55 -13.74
HO1 EDO E . -32.99 1.31 -13.74
H21 EDO E . -30.25 -1.10 -11.91
H22 EDO E . -30.35 0.58 -11.38
HO2 EDO E . -31.53 -0.63 -9.93
C1 EDO F . -11.20 -14.39 -11.57
O1 EDO F . -12.48 -14.17 -10.96
C2 EDO F . -10.42 -13.09 -11.66
O2 EDO F . -10.06 -12.66 -10.35
H11 EDO F . -10.64 -15.11 -10.97
H12 EDO F . -11.34 -14.82 -12.56
HO1 EDO F . -12.97 -15.01 -10.90
H21 EDO F . -9.52 -13.23 -12.26
H22 EDO F . -11.03 -12.33 -12.15
HO2 EDO F . -9.56 -11.83 -10.41
N PRO G . -10.23 -0.49 -43.62
CA PRO G . -11.56 -1.04 -43.77
C PRO G . -11.64 -2.51 -43.34
O PRO G . -10.71 -3.02 -42.71
CB PRO G . -11.85 -0.87 -45.27
CG PRO G . -10.93 0.25 -45.73
CD PRO G . -9.99 0.59 -44.58
OXT PRO G . -12.63 -3.20 -43.60
H2 PRO G . -9.60 -1.06 -44.07
H3 PRO G . -9.86 -0.24 -42.77
HA PRO G . -12.20 -0.52 -43.26
HB2 PRO G . -11.64 -1.70 -45.72
HB3 PRO G . -12.78 -0.62 -45.40
HG2 PRO G . -10.42 -0.05 -46.50
HG3 PRO G . -11.46 1.03 -45.96
HD2 PRO G . -9.06 0.57 -44.88
HD3 PRO G . -10.22 1.45 -44.20
N PRO H . 26.67 0.09 43.78
CA PRO H . 25.62 1.04 43.39
C PRO H . 26.19 2.33 42.80
O PRO H . 25.98 3.42 43.34
CB PRO H . 24.88 1.28 44.71
CG PRO H . 25.03 -0.01 45.43
CD PRO H . 26.41 -0.49 45.12
OXT PRO H . 26.86 2.31 41.77
HA PRO H . 25.01 0.64 42.76
HB2 PRO H . 25.31 2.01 45.19
HB3 PRO H . 23.96 1.49 44.53
HG2 PRO H . 24.93 0.15 46.39
HG3 PRO H . 24.36 -0.64 45.11
HD2 PRO H . 27.05 -0.14 45.76
HD3 PRO H . 26.44 -1.45 45.08
#